data_8Q19
#
_entry.id   8Q19
#
_cell.length_a   152.860
_cell.length_b   152.860
_cell.length_c   171.790
_cell.angle_alpha   90.00
_cell.angle_beta   90.00
_cell.angle_gamma   120.00
#
_symmetry.space_group_name_H-M   'H 3'
#
loop_
_entity.id
_entity.type
_entity.pdbx_description
1 polymer 'Carbonic anhydrase 9'
2 non-polymer 'ZINC ION'
3 non-polymer 2-but-2-ynyl-1,1,3-tris(oxidanylidene)-1,2-benzothiazole-6-sulfonamide
4 non-polymer GLYCEROL
5 water water
#
_entity_poly.entity_id   1
_entity_poly.type   'polypeptide(L)'
_entity_poly.pdbx_seq_one_letter_code
;GPDQSHWRYGGDPPWPRVSPACAGRFQSPVDIRPQLAAFSPALRPLELLGFQLPPLPELRLRNNGHSVQLTLPPGLEMAL
GPGREYRALQLHLHWGAAGRPGSEHTVEGHRFPAEIHVVHLSTAFARVDEALGRPGGLAVLAAFLEEGPEENSAYEQLLS
RLEEIAEEGSETQVPGLDISALLPSDFSRYFQYEGSLTTPPCAQGVIWTVFQQTVMLSAKQLHTLSDTLWGPGDSRLQLN
FRATQPLNGRVIEASFP
;
_entity_poly.pdbx_strand_id   A,B,C,D
#
loop_
_chem_comp.id
_chem_comp.type
_chem_comp.name
_chem_comp.formula
GOL non-polymer GLYCEROL 'C3 H8 O3'
IQ2 non-polymer 2-but-2-ynyl-1,1,3-tris(oxidanylidene)-1,2-benzothiazole-6-sulfonamide 'C11 H10 N2 O5 S2'
ZN non-polymer 'ZINC ION' 'Zn 2'
#
# COMPACT_ATOMS: atom_id res chain seq x y z
N TRP A 7 -16.50 6.92 -17.65
CA TRP A 7 -17.77 7.66 -17.87
C TRP A 7 -17.57 9.15 -17.61
N ARG A 8 -18.28 10.00 -18.37
CA ARG A 8 -18.23 11.44 -18.18
C ARG A 8 -19.57 12.07 -18.58
N TYR A 9 -19.69 13.39 -18.31
CA TYR A 9 -20.84 14.19 -18.71
C TYR A 9 -20.52 14.93 -20.02
N GLY A 10 -21.14 14.52 -21.14
CA GLY A 10 -20.99 15.22 -22.41
C GLY A 10 -20.60 14.30 -23.58
N GLY A 11 -19.78 13.28 -23.32
CA GLY A 11 -19.32 12.35 -24.34
C GLY A 11 -19.37 10.89 -23.87
N ASP A 12 -18.67 10.01 -24.60
CA ASP A 12 -18.72 8.56 -24.41
C ASP A 12 -17.84 8.16 -23.21
N PRO A 13 -17.97 6.92 -22.66
CA PRO A 13 -18.94 5.93 -23.10
C PRO A 13 -20.40 6.20 -22.69
N PRO A 14 -21.42 5.71 -23.45
CA PRO A 14 -22.81 5.80 -23.03
C PRO A 14 -23.03 4.97 -21.76
N TRP A 15 -23.86 5.50 -20.85
CA TRP A 15 -23.93 5.07 -19.46
C TRP A 15 -24.52 3.67 -19.29
N PRO A 16 -25.52 3.24 -20.12
CA PRO A 16 -25.97 1.84 -20.12
C PRO A 16 -24.92 0.80 -20.57
N ARG A 17 -23.96 1.22 -21.40
CA ARG A 17 -22.85 0.37 -21.84
C ARG A 17 -21.88 0.15 -20.67
N VAL A 18 -21.80 1.15 -19.77
CA VAL A 18 -21.02 1.05 -18.54
C VAL A 18 -21.81 0.22 -17.53
N SER A 19 -22.98 0.72 -17.11
CA SER A 19 -23.80 0.05 -16.09
C SER A 19 -25.23 -0.16 -16.60
N PRO A 20 -25.72 -1.42 -16.70
CA PRO A 20 -27.09 -1.71 -17.12
C PRO A 20 -28.22 -1.02 -16.35
N ALA A 21 -27.97 -0.70 -15.07
CA ALA A 21 -28.96 -0.11 -14.18
C ALA A 21 -29.24 1.35 -14.55
N CYS A 22 -28.34 1.98 -15.34
CA CYS A 22 -28.50 3.36 -15.80
C CYS A 22 -29.57 3.44 -16.89
N ALA A 23 -30.15 2.29 -17.24
CA ALA A 23 -31.30 2.25 -18.14
C ALA A 23 -32.55 1.78 -17.39
N GLY A 24 -32.53 1.91 -16.06
CA GLY A 24 -33.69 1.56 -15.26
C GLY A 24 -34.82 2.57 -15.45
N ARG A 25 -36.03 2.20 -15.02
CA ARG A 25 -37.22 2.98 -15.27
C ARG A 25 -37.35 4.12 -14.25
N PHE A 26 -36.76 3.89 -13.07
CA PHE A 26 -36.96 4.73 -11.89
C PHE A 26 -35.64 5.37 -11.45
N GLN A 27 -35.20 6.37 -12.23
CA GLN A 27 -33.89 7.01 -12.08
C GLN A 27 -34.02 8.41 -11.46
N SER A 28 -32.87 8.97 -11.08
CA SER A 28 -32.73 10.31 -10.56
C SER A 28 -31.73 11.06 -11.42
N PRO A 29 -31.72 12.42 -11.48
CA PRO A 29 -32.68 13.26 -10.76
C PRO A 29 -34.02 13.37 -11.51
N VAL A 30 -35.01 14.00 -10.86
CA VAL A 30 -36.31 14.23 -11.44
C VAL A 30 -36.68 15.72 -11.39
N ASP A 31 -37.82 16.04 -12.02
CA ASP A 31 -38.41 17.38 -11.96
C ASP A 31 -39.56 17.35 -10.97
N ILE A 32 -39.38 18.14 -9.90
CA ILE A 32 -40.33 18.18 -8.80
C ILE A 32 -41.39 19.20 -9.16
N ARG A 33 -42.61 18.73 -9.46
CA ARG A 33 -43.77 19.59 -9.64
C ARG A 33 -44.56 19.55 -8.34
N PRO A 34 -44.42 20.54 -7.42
CA PRO A 34 -45.12 20.50 -6.13
C PRO A 34 -46.63 20.32 -6.28
N GLN A 35 -47.18 20.85 -7.38
CA GLN A 35 -48.59 20.69 -7.73
C GLN A 35 -49.05 19.24 -7.58
N LEU A 36 -48.24 18.29 -8.07
CA LEU A 36 -48.61 16.88 -8.13
C LEU A 36 -48.00 16.06 -6.99
N ALA A 37 -47.46 16.72 -5.97
CA ALA A 37 -46.80 16.00 -4.88
C ALA A 37 -47.85 15.59 -3.86
N ALA A 38 -47.73 14.36 -3.35
CA ALA A 38 -48.72 13.85 -2.41
C ALA A 38 -48.32 14.28 -1.00
N PHE A 39 -49.13 15.15 -0.37
CA PHE A 39 -48.90 15.51 1.02
C PHE A 39 -49.06 14.25 1.86
N SER A 40 -48.05 13.97 2.69
CA SER A 40 -48.00 12.74 3.46
C SER A 40 -47.60 13.06 4.90
N PRO A 41 -48.57 13.25 5.82
CA PRO A 41 -48.27 13.66 7.19
C PRO A 41 -47.53 12.64 8.06
N ALA A 42 -47.10 11.51 7.46
CA ALA A 42 -46.26 10.57 8.17
C ALA A 42 -44.79 10.96 8.04
N LEU A 43 -44.45 11.77 7.03
CA LEU A 43 -43.12 12.33 6.91
C LEU A 43 -42.87 13.38 8.00
N ARG A 44 -42.15 12.98 9.06
CA ARG A 44 -41.83 13.88 10.16
C ARG A 44 -40.50 14.60 9.87
N PRO A 45 -40.03 15.52 10.75
CA PRO A 45 -38.77 16.21 10.54
C PRO A 45 -37.56 15.27 10.65
N LEU A 46 -36.54 15.54 9.83
CA LEU A 46 -35.34 14.73 9.77
C LEU A 46 -34.48 15.04 10.98
N GLU A 47 -33.77 14.02 11.48
CA GLU A 47 -32.96 14.17 12.68
C GLU A 47 -31.54 13.70 12.41
N LEU A 48 -30.58 14.62 12.62
CA LEU A 48 -29.16 14.37 12.45
C LEU A 48 -28.50 14.27 13.83
N LEU A 49 -27.42 13.49 13.93
CA LEU A 49 -26.63 13.39 15.15
C LEU A 49 -25.16 13.26 14.78
N GLY A 50 -24.30 13.98 15.51
CA GLY A 50 -22.86 13.91 15.32
C GLY A 50 -22.37 14.66 14.09
N PHE A 51 -23.18 15.60 13.56
CA PHE A 51 -22.80 16.36 12.37
C PHE A 51 -21.91 17.54 12.74
N GLN A 52 -21.87 17.92 14.01
CA GLN A 52 -21.12 19.07 14.45
C GLN A 52 -19.73 18.61 14.84
N LEU A 53 -18.83 18.54 13.84
CA LEU A 53 -17.54 17.88 14.01
C LEU A 53 -16.52 18.86 14.57
N PRO A 54 -15.50 18.41 15.33
CA PRO A 54 -14.41 19.28 15.75
C PRO A 54 -13.36 19.36 14.63
N PRO A 55 -12.37 20.28 14.73
CA PRO A 55 -11.37 20.44 13.68
C PRO A 55 -10.51 19.21 13.39
N LEU A 56 -10.25 18.40 14.42
CA LEU A 56 -9.52 17.15 14.26
C LEU A 56 -10.38 15.98 14.73
N PRO A 57 -10.41 14.85 14.00
CA PRO A 57 -9.55 14.64 12.83
C PRO A 57 -9.98 15.45 11.62
N GLU A 58 -9.07 15.55 10.66
CA GLU A 58 -9.38 16.20 9.40
C GLU A 58 -10.03 15.20 8.43
N LEU A 59 -10.68 15.78 7.43
CA LEU A 59 -11.54 15.10 6.47
C LEU A 59 -10.85 15.20 5.11
N ARG A 60 -10.99 14.17 4.27
CA ARG A 60 -10.40 14.24 2.94
C ARG A 60 -11.39 14.90 2.00
N LEU A 61 -10.94 15.96 1.30
CA LEU A 61 -11.69 16.62 0.25
C LEU A 61 -11.01 16.34 -1.08
N ARG A 62 -11.77 15.80 -2.05
CA ARG A 62 -11.20 15.30 -3.29
C ARG A 62 -11.91 15.91 -4.50
N ASN A 63 -11.11 16.21 -5.54
CA ASN A 63 -11.57 16.42 -6.89
C ASN A 63 -11.45 15.11 -7.67
N ASN A 64 -12.57 14.39 -7.79
CA ASN A 64 -12.61 13.08 -8.43
C ASN A 64 -12.90 13.24 -9.92
N GLY A 65 -12.86 14.48 -10.43
CA GLY A 65 -13.00 14.76 -11.85
C GLY A 65 -14.46 14.88 -12.29
N HIS A 66 -15.38 14.43 -11.42
CA HIS A 66 -16.81 14.43 -11.66
C HIS A 66 -17.52 15.40 -10.71
N SER A 67 -16.91 15.60 -9.51
CA SER A 67 -17.41 16.51 -8.48
C SER A 67 -16.29 16.86 -7.51
N VAL A 68 -16.61 17.73 -6.55
CA VAL A 68 -15.83 17.85 -5.32
C VAL A 68 -16.57 17.10 -4.22
N GLN A 69 -15.85 16.22 -3.52
CA GLN A 69 -16.42 15.25 -2.61
C GLN A 69 -15.71 15.28 -1.23
N LEU A 70 -16.48 15.45 -0.16
CA LEU A 70 -15.95 15.43 1.18
C LEU A 70 -16.29 14.09 1.81
N THR A 71 -15.26 13.29 2.15
CA THR A 71 -15.45 12.02 2.83
C THR A 71 -15.75 12.34 4.29
N LEU A 72 -16.86 11.78 4.81
CA LEU A 72 -17.30 12.07 6.17
C LEU A 72 -16.84 10.93 7.08
N PRO A 73 -16.66 11.19 8.38
CA PRO A 73 -16.20 10.17 9.32
C PRO A 73 -17.34 9.30 9.84
N PRO A 74 -16.99 8.20 10.56
CA PRO A 74 -17.95 7.48 11.39
C PRO A 74 -18.64 8.38 12.41
N GLY A 75 -19.85 7.96 12.80
CA GLY A 75 -20.54 8.58 13.92
C GLY A 75 -21.63 9.56 13.50
N LEU A 76 -21.79 9.83 12.18
CA LEU A 76 -22.80 10.78 11.72
C LEU A 76 -24.10 10.03 11.43
N GLU A 77 -25.09 10.15 12.33
CA GLU A 77 -26.33 9.37 12.23
C GLU A 77 -27.46 10.23 11.71
N MET A 78 -28.27 9.66 10.81
CA MET A 78 -29.44 10.34 10.26
C MET A 78 -30.63 9.39 10.24
N ALA A 79 -31.81 9.89 10.64
CA ALA A 79 -33.04 9.12 10.60
C ALA A 79 -34.09 9.89 9.79
N LEU A 80 -34.70 9.19 8.83
CA LEU A 80 -35.77 9.72 7.99
C LEU A 80 -37.09 9.70 8.77
N GLY A 81 -37.12 8.79 9.75
CA GLY A 81 -38.22 8.67 10.68
C GLY A 81 -37.92 7.56 11.67
N PRO A 82 -38.84 7.25 12.61
CA PRO A 82 -38.68 6.10 13.51
C PRO A 82 -38.35 4.80 12.77
N GLY A 83 -37.18 4.21 13.05
CA GLY A 83 -36.79 2.92 12.49
C GLY A 83 -36.27 2.99 11.05
N ARG A 84 -35.95 4.21 10.58
CA ARG A 84 -35.42 4.41 9.24
C ARG A 84 -34.11 5.16 9.41
N GLU A 85 -33.07 4.41 9.75
CA GLU A 85 -31.87 5.01 10.28
C GLU A 85 -30.71 4.76 9.35
N TYR A 86 -29.93 5.83 9.14
CA TYR A 86 -28.81 5.86 8.22
C TYR A 86 -27.61 6.50 8.88
N ARG A 87 -26.45 6.35 8.23
CA ARG A 87 -25.19 6.92 8.68
C ARG A 87 -24.45 7.46 7.46
N ALA A 88 -23.91 8.68 7.60
CA ALA A 88 -23.43 9.47 6.47
C ALA A 88 -22.08 8.95 5.97
N LEU A 89 -21.90 8.94 4.64
CA LEU A 89 -20.69 8.44 3.99
C LEU A 89 -19.83 9.59 3.46
N GLN A 90 -20.46 10.44 2.67
CA GLN A 90 -19.78 11.56 2.04
C GLN A 90 -20.82 12.61 1.68
N LEU A 91 -20.34 13.80 1.31
CA LEU A 91 -21.17 14.75 0.60
C LEU A 91 -20.37 15.29 -0.58
N HIS A 92 -21.09 15.89 -1.52
CA HIS A 92 -20.52 16.41 -2.75
C HIS A 92 -21.51 17.38 -3.37
N LEU A 93 -21.12 17.90 -4.53
CA LEU A 93 -21.73 19.07 -5.12
C LEU A 93 -21.90 18.84 -6.62
N HIS A 94 -22.95 19.49 -7.14
CA HIS A 94 -23.18 19.59 -8.57
C HIS A 94 -23.43 21.08 -8.89
N TRP A 95 -22.81 21.56 -9.98
CA TRP A 95 -22.89 22.96 -10.35
C TRP A 95 -22.84 23.15 -11.87
N GLY A 96 -23.01 24.42 -12.28
CA GLY A 96 -23.11 24.80 -13.68
C GLY A 96 -21.84 25.46 -14.21
N ALA A 97 -21.99 26.73 -14.64
CA ALA A 97 -20.91 27.55 -15.20
C ALA A 97 -21.32 29.01 -15.05
N ALA A 98 -20.60 29.91 -15.74
CA ALA A 98 -20.96 31.33 -15.74
C ALA A 98 -22.35 31.50 -16.36
N GLY A 99 -23.26 32.08 -15.54
CA GLY A 99 -24.63 32.37 -15.95
C GLY A 99 -25.42 31.14 -16.37
N ARG A 100 -25.05 29.95 -15.85
CA ARG A 100 -25.75 28.72 -16.18
C ARG A 100 -25.97 27.93 -14.88
N PRO A 101 -27.20 27.41 -14.65
CA PRO A 101 -27.51 26.71 -13.41
C PRO A 101 -27.07 25.25 -13.55
N GLY A 102 -26.90 24.58 -12.40
CA GLY A 102 -26.20 23.31 -12.39
C GLY A 102 -26.77 22.28 -11.41
N SER A 103 -27.95 22.53 -10.85
CA SER A 103 -28.55 21.59 -9.92
C SER A 103 -28.99 20.36 -10.71
N GLU A 104 -29.10 19.21 -10.04
CA GLU A 104 -29.51 17.98 -10.69
C GLU A 104 -31.04 17.95 -10.76
N HIS A 105 -31.68 18.13 -9.60
CA HIS A 105 -33.12 18.26 -9.52
C HIS A 105 -33.55 19.66 -9.95
N THR A 106 -34.73 19.75 -10.58
CA THR A 106 -35.33 21.00 -10.98
C THR A 106 -36.70 21.07 -10.31
N VAL A 107 -37.26 22.27 -10.15
CA VAL A 107 -38.62 22.45 -9.63
C VAL A 107 -39.46 23.21 -10.65
N GLU A 108 -40.56 22.57 -11.08
CA GLU A 108 -41.38 23.06 -12.18
C GLU A 108 -40.50 23.59 -13.29
N GLY A 109 -39.44 22.84 -13.63
CA GLY A 109 -38.55 23.18 -14.73
C GLY A 109 -37.38 24.07 -14.31
N HIS A 110 -37.50 24.78 -13.17
CA HIS A 110 -36.47 25.69 -12.71
C HIS A 110 -35.22 24.90 -12.27
N ARG A 111 -34.06 25.25 -12.84
CA ARG A 111 -32.79 24.70 -12.39
C ARG A 111 -32.09 25.74 -11.54
N PHE A 112 -31.64 25.31 -10.35
CA PHE A 112 -31.02 26.21 -9.39
C PHE A 112 -29.51 26.24 -9.62
N PRO A 113 -28.78 27.27 -9.12
CA PRO A 113 -27.34 27.38 -9.37
C PRO A 113 -26.53 26.11 -9.09
N ALA A 114 -26.69 25.53 -7.90
CA ALA A 114 -25.98 24.29 -7.57
C ALA A 114 -26.80 23.45 -6.60
N GLU A 115 -26.26 22.28 -6.24
CA GLU A 115 -26.94 21.32 -5.37
C GLU A 115 -25.90 20.56 -4.56
N ILE A 116 -26.15 20.43 -3.24
CA ILE A 116 -25.37 19.60 -2.34
C ILE A 116 -26.08 18.26 -2.12
N HIS A 117 -25.34 17.14 -2.28
CA HIS A 117 -25.85 15.83 -1.90
C HIS A 117 -25.09 15.32 -0.68
N VAL A 118 -25.83 14.80 0.31
CA VAL A 118 -25.24 14.08 1.44
C VAL A 118 -25.70 12.61 1.38
N VAL A 119 -24.77 11.70 1.03
CA VAL A 119 -25.07 10.30 0.78
C VAL A 119 -24.92 9.52 2.08
N HIS A 120 -25.93 8.67 2.38
CA HIS A 120 -26.05 7.91 3.62
C HIS A 120 -26.25 6.43 3.33
N LEU A 121 -25.88 5.57 4.30
CA LEU A 121 -26.02 4.12 4.18
C LEU A 121 -26.97 3.59 5.24
N SER A 122 -27.93 2.77 4.85
CA SER A 122 -28.80 2.15 5.83
C SER A 122 -27.97 1.40 6.86
N THR A 123 -28.31 1.57 8.16
CA THR A 123 -27.58 0.89 9.21
C THR A 123 -27.77 -0.62 9.15
N ALA A 124 -28.64 -1.10 8.25
CA ALA A 124 -28.85 -2.53 8.05
C ALA A 124 -27.78 -3.16 7.16
N PHE A 125 -26.88 -2.35 6.59
CA PHE A 125 -25.89 -2.84 5.65
C PHE A 125 -24.49 -2.39 6.10
N ALA A 126 -23.54 -3.31 6.09
CA ALA A 126 -22.19 -2.99 6.51
C ALA A 126 -21.48 -2.14 5.46
N ARG A 127 -21.82 -2.27 4.17
CA ARG A 127 -21.13 -1.48 3.17
C ARG A 127 -21.98 -1.28 1.92
N VAL A 128 -21.54 -0.34 1.08
CA VAL A 128 -22.30 0.18 -0.03
C VAL A 128 -22.65 -0.91 -1.03
N ASP A 129 -21.72 -1.82 -1.35
CA ASP A 129 -22.02 -2.84 -2.36
C ASP A 129 -23.20 -3.72 -1.93
N GLU A 130 -23.43 -3.91 -0.63
CA GLU A 130 -24.55 -4.69 -0.15
C GLU A 130 -25.86 -3.92 -0.33
N ALA A 131 -25.77 -2.57 -0.31
CA ALA A 131 -26.92 -1.69 -0.26
C ALA A 131 -27.44 -1.36 -1.65
N LEU A 132 -26.55 -1.37 -2.66
CA LEU A 132 -26.90 -0.93 -4.01
C LEU A 132 -28.04 -1.79 -4.51
N GLY A 133 -29.13 -1.13 -4.94
CA GLY A 133 -30.23 -1.80 -5.60
C GLY A 133 -31.27 -2.29 -4.61
N ARG A 134 -30.96 -2.22 -3.30
CA ARG A 134 -31.86 -2.73 -2.27
C ARG A 134 -32.79 -1.61 -1.85
N PRO A 135 -34.06 -1.95 -1.50
CA PRO A 135 -35.02 -0.98 -0.95
C PRO A 135 -34.44 -0.21 0.23
N GLY A 136 -34.22 1.10 0.05
CA GLY A 136 -33.91 2.00 1.15
C GLY A 136 -32.47 1.86 1.63
N GLY A 137 -31.65 1.20 0.81
CA GLY A 137 -30.29 0.84 1.18
C GLY A 137 -29.42 2.07 1.37
N LEU A 138 -29.50 3.01 0.42
CA LEU A 138 -28.82 4.30 0.50
C LEU A 138 -29.87 5.41 0.58
N ALA A 139 -29.50 6.54 1.19
CA ALA A 139 -30.39 7.70 1.20
C ALA A 139 -29.55 8.94 0.95
N VAL A 140 -30.05 9.85 0.09
CA VAL A 140 -29.37 11.12 -0.15
C VAL A 140 -30.25 12.26 0.36
N LEU A 141 -29.62 13.21 1.07
CA LEU A 141 -30.23 14.48 1.40
C LEU A 141 -29.73 15.48 0.36
N ALA A 142 -30.66 16.13 -0.34
CA ALA A 142 -30.32 17.13 -1.33
C ALA A 142 -30.87 18.48 -0.89
N ALA A 143 -30.06 19.51 -1.09
CA ALA A 143 -30.48 20.89 -0.95
C ALA A 143 -29.95 21.69 -2.15
N PHE A 144 -30.73 22.67 -2.60
CA PHE A 144 -30.33 23.55 -3.67
C PHE A 144 -29.58 24.72 -3.07
N LEU A 145 -28.57 25.21 -3.79
CA LEU A 145 -27.88 26.42 -3.40
C LEU A 145 -28.29 27.50 -4.39
N GLU A 146 -28.74 28.63 -3.85
CA GLU A 146 -29.11 29.79 -4.64
C GLU A 146 -28.11 30.92 -4.41
N GLU A 147 -28.16 31.90 -5.31
CA GLU A 147 -27.42 33.13 -5.10
C GLU A 147 -28.10 33.90 -3.97
N GLY A 148 -27.28 34.48 -3.09
CA GLY A 148 -27.74 35.21 -1.92
C GLY A 148 -26.97 36.52 -1.74
N PRO A 149 -27.45 37.43 -0.87
CA PRO A 149 -26.81 38.74 -0.66
C PRO A 149 -25.56 38.66 0.22
N GLU A 150 -25.68 38.06 1.41
CA GLU A 150 -24.56 37.89 2.34
C GLU A 150 -23.90 36.52 2.07
N GLU A 151 -22.61 36.42 2.43
CA GLU A 151 -21.75 35.29 2.13
C GLU A 151 -21.95 34.19 3.18
N ASN A 152 -21.85 32.93 2.75
CA ASN A 152 -22.05 31.78 3.61
C ASN A 152 -20.69 31.36 4.19
N SER A 153 -20.57 31.42 5.53
CA SER A 153 -19.31 31.16 6.20
C SER A 153 -19.09 29.66 6.41
N ALA A 154 -20.17 28.86 6.32
CA ALA A 154 -20.06 27.42 6.43
C ALA A 154 -19.44 26.88 5.14
N TYR A 155 -19.90 27.39 4.00
CA TYR A 155 -19.39 26.97 2.71
C TYR A 155 -18.01 27.58 2.45
N GLU A 156 -17.69 28.74 3.04
CA GLU A 156 -16.39 29.35 2.80
C GLU A 156 -15.27 28.43 3.31
N GLN A 157 -15.58 27.58 4.30
CA GLN A 157 -14.61 26.65 4.84
C GLN A 157 -14.12 25.66 3.79
N LEU A 158 -15.02 25.28 2.87
CA LEU A 158 -14.72 24.31 1.82
C LEU A 158 -14.30 25.04 0.54
N LEU A 159 -14.99 26.13 0.22
CA LEU A 159 -14.80 26.80 -1.06
C LEU A 159 -13.40 27.40 -1.14
N SER A 160 -12.83 27.77 0.01
CA SER A 160 -11.52 28.39 0.08
C SER A 160 -10.39 27.40 -0.18
N ARG A 161 -10.73 26.09 -0.24
CA ARG A 161 -9.75 25.02 -0.38
C ARG A 161 -9.77 24.45 -1.80
N LEU A 162 -10.71 24.91 -2.62
CA LEU A 162 -10.88 24.39 -3.97
C LEU A 162 -9.63 24.64 -4.82
N GLU A 163 -8.98 25.82 -4.67
CA GLU A 163 -7.75 26.14 -5.39
C GLU A 163 -6.76 24.97 -5.29
N GLU A 164 -6.60 24.41 -4.08
CA GLU A 164 -5.64 23.35 -3.80
C GLU A 164 -5.95 22.02 -4.49
N ILE A 165 -7.19 21.83 -4.97
CA ILE A 165 -7.53 20.58 -5.63
C ILE A 165 -8.01 20.86 -7.05
N ALA A 166 -7.57 21.98 -7.63
CA ALA A 166 -7.90 22.31 -9.00
C ALA A 166 -7.60 21.13 -9.92
N GLU A 167 -6.42 20.53 -9.82
CA GLU A 167 -6.09 19.40 -10.69
C GLU A 167 -7.18 18.32 -10.52
N GLU A 168 -7.44 17.58 -11.60
CA GLU A 168 -8.34 16.44 -11.49
C GLU A 168 -7.62 15.32 -10.74
N GLY A 169 -8.35 14.60 -9.88
CA GLY A 169 -7.84 13.47 -9.12
C GLY A 169 -6.99 13.87 -7.91
N SER A 170 -6.90 15.17 -7.63
CA SER A 170 -6.14 15.68 -6.50
C SER A 170 -7.06 15.78 -5.30
N GLU A 171 -6.44 15.92 -4.10
CA GLU A 171 -7.15 16.00 -2.83
C GLU A 171 -6.30 16.77 -1.82
N THR A 172 -6.98 17.21 -0.76
CA THR A 172 -6.39 17.93 0.36
C THR A 172 -7.09 17.43 1.63
N GLN A 173 -6.59 17.84 2.80
CA GLN A 173 -7.26 17.56 4.06
C GLN A 173 -7.75 18.88 4.64
N VAL A 174 -8.99 18.88 5.11
CA VAL A 174 -9.63 20.08 5.64
C VAL A 174 -10.09 19.76 7.06
N PRO A 175 -10.05 20.73 8.00
CA PRO A 175 -10.58 20.49 9.34
C PRO A 175 -12.08 20.18 9.31
N GLY A 176 -12.55 19.40 10.27
CA GLY A 176 -13.97 19.11 10.41
C GLY A 176 -14.79 20.37 10.65
N LEU A 177 -16.10 20.26 10.44
CA LEU A 177 -16.96 21.42 10.59
C LEU A 177 -18.39 20.95 10.85
N ASP A 178 -19.28 21.89 11.14
CA ASP A 178 -20.68 21.57 11.26
C ASP A 178 -21.17 21.21 9.86
N ILE A 179 -21.31 19.90 9.61
CA ILE A 179 -21.74 19.45 8.30
C ILE A 179 -23.18 19.87 8.09
N SER A 180 -23.95 19.96 9.17
CA SER A 180 -25.36 20.32 9.05
C SER A 180 -25.55 21.79 8.67
N ALA A 181 -24.55 22.66 8.93
CA ALA A 181 -24.66 24.06 8.58
C ALA A 181 -24.49 24.25 7.08
N LEU A 182 -24.22 23.15 6.35
CA LEU A 182 -24.13 23.17 4.90
C LEU A 182 -25.51 22.89 4.28
N LEU A 183 -26.51 22.65 5.14
CA LEU A 183 -27.87 22.30 4.76
C LEU A 183 -28.84 23.33 5.33
N PRO A 184 -30.05 23.47 4.77
CA PRO A 184 -31.04 24.36 5.35
C PRO A 184 -31.31 24.07 6.84
N SER A 185 -31.92 25.04 7.53
CA SER A 185 -32.26 24.91 8.95
C SER A 185 -33.60 24.18 9.15
N ASP A 186 -34.48 24.20 8.13
CA ASP A 186 -35.79 23.57 8.20
C ASP A 186 -35.69 22.10 7.77
N PHE A 187 -35.77 21.19 8.74
CA PHE A 187 -35.70 19.75 8.48
C PHE A 187 -37.12 19.16 8.37
N SER A 188 -38.16 20.00 8.41
CA SER A 188 -39.52 19.49 8.51
C SER A 188 -40.22 19.52 7.15
N ARG A 189 -39.75 20.40 6.24
CA ARG A 189 -40.39 20.64 4.97
C ARG A 189 -39.48 20.17 3.84
N TYR A 190 -39.90 19.07 3.19
CA TYR A 190 -39.12 18.38 2.16
C TYR A 190 -40.06 17.58 1.26
N PHE A 191 -39.49 17.21 0.10
CA PHE A 191 -40.00 16.23 -0.85
C PHE A 191 -39.24 14.90 -0.67
N GLN A 192 -39.92 13.75 -0.85
CA GLN A 192 -39.24 12.46 -0.78
C GLN A 192 -39.72 11.58 -1.93
N TYR A 193 -38.79 10.87 -2.59
CA TYR A 193 -39.16 9.93 -3.62
C TYR A 193 -38.08 8.85 -3.72
N GLU A 194 -38.43 7.71 -4.33
CA GLU A 194 -37.49 6.61 -4.54
C GLU A 194 -36.92 6.74 -5.96
N GLY A 195 -35.59 6.67 -6.04
CA GLY A 195 -34.90 6.92 -7.28
C GLY A 195 -33.63 6.09 -7.39
N SER A 196 -32.63 6.67 -8.09
CA SER A 196 -31.36 6.00 -8.33
C SER A 196 -30.21 6.92 -7.94
N LEU A 197 -29.00 6.39 -8.05
CA LEU A 197 -27.80 7.21 -8.09
C LEU A 197 -27.76 7.87 -9.47
N THR A 198 -27.15 9.06 -9.54
CA THR A 198 -27.15 9.85 -10.75
C THR A 198 -25.80 9.70 -11.46
N THR A 199 -25.10 8.59 -11.20
CA THR A 199 -23.86 8.25 -11.90
C THR A 199 -23.72 6.73 -11.89
N PRO A 200 -23.04 6.11 -12.87
CA PRO A 200 -22.88 4.65 -12.85
C PRO A 200 -22.38 4.22 -11.47
N PRO A 201 -22.90 3.12 -10.88
CA PRO A 201 -23.80 2.19 -11.57
C PRO A 201 -25.30 2.49 -11.63
N CYS A 202 -25.73 3.64 -11.09
CA CYS A 202 -27.11 4.12 -11.21
C CYS A 202 -28.10 3.16 -10.57
N ALA A 203 -27.74 2.58 -9.41
CA ALA A 203 -28.63 1.62 -8.77
C ALA A 203 -29.88 2.30 -8.19
N GLN A 204 -31.02 1.62 -8.38
CA GLN A 204 -32.30 2.06 -7.85
C GLN A 204 -32.44 1.64 -6.40
N GLY A 205 -33.59 1.95 -5.79
CA GLY A 205 -33.85 1.63 -4.40
C GLY A 205 -33.29 2.67 -3.45
N VAL A 206 -32.98 3.87 -3.95
CA VAL A 206 -32.36 4.95 -3.20
C VAL A 206 -33.43 5.94 -2.80
N ILE A 207 -33.45 6.38 -1.53
CA ILE A 207 -34.46 7.32 -1.07
C ILE A 207 -33.92 8.75 -1.11
N TRP A 208 -34.50 9.59 -1.99
CA TRP A 208 -34.11 10.98 -2.11
C TRP A 208 -35.00 11.90 -1.29
N THR A 209 -34.39 12.65 -0.38
CA THR A 209 -35.08 13.67 0.39
C THR A 209 -34.58 15.03 -0.12
N VAL A 210 -35.47 15.85 -0.66
CA VAL A 210 -35.10 17.14 -1.24
C VAL A 210 -35.74 18.26 -0.42
N PHE A 211 -34.91 19.10 0.19
CA PHE A 211 -35.37 20.22 0.99
C PHE A 211 -36.02 21.25 0.07
N GLN A 212 -37.12 21.88 0.55
CA GLN A 212 -37.68 23.02 -0.18
C GLN A 212 -36.96 24.30 0.21
N GLN A 213 -36.51 24.43 1.48
CA GLN A 213 -35.68 25.57 1.84
C GLN A 213 -34.34 25.46 1.10
N THR A 214 -33.88 26.58 0.54
CA THR A 214 -32.59 26.62 -0.15
C THR A 214 -31.52 27.14 0.80
N VAL A 215 -30.26 26.94 0.38
CA VAL A 215 -29.10 27.49 1.05
C VAL A 215 -28.58 28.64 0.20
N MET A 216 -28.06 29.70 0.84
CA MET A 216 -27.72 30.94 0.15
C MET A 216 -26.20 31.17 0.16
N LEU A 217 -25.64 31.29 -1.05
CA LEU A 217 -24.22 31.57 -1.25
C LEU A 217 -24.13 32.90 -1.99
N SER A 218 -23.16 33.77 -1.61
CA SER A 218 -22.85 34.98 -2.34
C SER A 218 -22.46 34.63 -3.78
N ALA A 219 -22.53 35.61 -4.68
CA ALA A 219 -22.30 35.38 -6.10
C ALA A 219 -20.88 34.91 -6.37
N LYS A 220 -19.92 35.43 -5.58
CA LYS A 220 -18.52 35.11 -5.77
C LYS A 220 -18.28 33.64 -5.40
N GLN A 221 -18.92 33.20 -4.31
CA GLN A 221 -18.83 31.82 -3.83
C GLN A 221 -19.26 30.86 -4.94
N LEU A 222 -20.38 31.18 -5.62
CA LEU A 222 -20.89 30.37 -6.71
C LEU A 222 -19.91 30.36 -7.87
N HIS A 223 -19.25 31.50 -8.13
CA HIS A 223 -18.19 31.57 -9.13
C HIS A 223 -16.98 30.72 -8.67
N THR A 224 -16.63 30.79 -7.38
CA THR A 224 -15.50 30.02 -6.86
C THR A 224 -15.71 28.54 -7.17
N LEU A 225 -16.94 28.05 -6.96
CA LEU A 225 -17.28 26.64 -7.11
C LEU A 225 -17.19 26.21 -8.57
N SER A 226 -17.85 27.00 -9.43
CA SER A 226 -18.04 26.65 -10.83
C SER A 226 -16.79 26.91 -11.65
N ASP A 227 -15.87 27.74 -11.13
CA ASP A 227 -14.79 28.28 -11.94
C ASP A 227 -13.44 27.63 -11.64
N THR A 228 -13.29 27.02 -10.44
CA THR A 228 -11.97 26.73 -9.88
C THR A 228 -11.45 25.35 -10.32
N LEU A 229 -12.37 24.39 -10.55
CA LEU A 229 -11.96 22.99 -10.67
C LEU A 229 -11.86 22.56 -12.13
N TRP A 230 -10.99 21.56 -12.35
CA TRP A 230 -10.69 20.98 -13.64
C TRP A 230 -11.01 19.49 -13.63
N GLY A 231 -11.69 19.03 -14.69
CA GLY A 231 -12.07 17.64 -14.85
C GLY A 231 -11.24 16.97 -15.94
N PRO A 232 -11.77 15.92 -16.62
CA PRO A 232 -11.02 15.21 -17.66
C PRO A 232 -10.52 16.14 -18.77
N GLY A 233 -9.40 15.76 -19.40
CA GLY A 233 -8.81 16.55 -20.47
C GLY A 233 -8.38 17.94 -20.01
N ASP A 234 -8.27 18.85 -20.97
CA ASP A 234 -7.89 20.23 -20.71
C ASP A 234 -9.15 21.10 -20.58
N SER A 235 -10.17 20.60 -19.87
CA SER A 235 -11.46 21.25 -19.76
C SER A 235 -11.85 21.48 -18.30
N ARG A 236 -12.57 22.56 -18.03
CA ARG A 236 -13.08 22.85 -16.70
C ARG A 236 -14.06 21.76 -16.25
N LEU A 237 -14.29 21.70 -14.93
CA LEU A 237 -15.29 20.82 -14.35
C LEU A 237 -16.52 21.67 -14.04
N GLN A 238 -17.55 21.50 -14.89
CA GLN A 238 -18.69 22.40 -14.94
C GLN A 238 -19.87 21.62 -15.48
N LEU A 239 -21.09 22.11 -15.20
CA LEU A 239 -22.32 21.48 -15.67
C LEU A 239 -22.25 19.99 -15.36
N ASN A 240 -21.95 19.66 -14.08
CA ASN A 240 -21.68 18.29 -13.66
C ASN A 240 -22.95 17.75 -12.99
N PHE A 241 -24.06 17.90 -13.71
CA PHE A 241 -25.39 17.46 -13.33
C PHE A 241 -25.92 16.51 -14.42
N ARG A 242 -26.83 15.59 -14.03
CA ARG A 242 -27.41 14.65 -14.98
C ARG A 242 -28.77 15.16 -15.45
N ALA A 243 -29.13 14.78 -16.70
CA ALA A 243 -30.39 15.13 -17.32
C ALA A 243 -31.58 14.61 -16.49
N THR A 244 -32.51 15.53 -16.19
CA THR A 244 -33.79 15.23 -15.58
C THR A 244 -34.42 13.97 -16.18
N GLN A 245 -34.84 13.05 -15.30
CA GLN A 245 -35.36 11.74 -15.68
C GLN A 245 -36.85 11.65 -15.36
N PRO A 246 -37.64 10.97 -16.22
CA PRO A 246 -39.07 10.88 -16.00
C PRO A 246 -39.41 10.08 -14.75
N LEU A 247 -40.45 10.54 -14.03
CA LEU A 247 -41.00 9.84 -12.88
C LEU A 247 -41.54 8.46 -13.24
N ASN A 248 -42.06 8.30 -14.46
CA ASN A 248 -42.56 7.01 -14.91
C ASN A 248 -43.55 6.43 -13.89
N GLY A 249 -44.43 7.27 -13.34
CA GLY A 249 -45.55 6.80 -12.52
C GLY A 249 -45.31 6.91 -11.02
N ARG A 250 -44.06 7.20 -10.63
CA ARG A 250 -43.71 7.44 -9.24
C ARG A 250 -44.39 8.75 -8.82
N VAL A 251 -44.82 8.79 -7.56
CA VAL A 251 -45.38 9.98 -6.97
C VAL A 251 -44.41 10.52 -5.93
N ILE A 252 -44.07 11.81 -6.04
CA ILE A 252 -43.24 12.47 -5.04
C ILE A 252 -44.15 12.79 -3.87
N GLU A 253 -43.68 12.54 -2.65
CA GLU A 253 -44.37 12.92 -1.42
C GLU A 253 -43.84 14.26 -0.92
N ALA A 254 -44.61 14.90 -0.04
CA ALA A 254 -44.27 16.20 0.54
C ALA A 254 -44.62 16.17 2.02
N SER A 255 -43.71 16.62 2.87
CA SER A 255 -43.87 16.48 4.30
C SER A 255 -44.82 17.55 4.81
N PHE A 256 -45.26 18.42 3.89
CA PHE A 256 -46.06 19.60 4.20
C PHE A 256 -47.21 19.74 3.20
N PRO A 257 -48.37 20.31 3.63
CA PRO A 257 -49.52 20.56 2.75
C PRO A 257 -49.34 21.66 1.69
N TRP B 7 1.83 30.79 6.71
CA TRP B 7 2.80 30.53 7.82
C TRP B 7 4.19 31.06 7.46
N ARG B 8 4.89 31.57 8.49
CA ARG B 8 6.30 31.89 8.41
C ARG B 8 6.97 31.00 9.44
N TYR B 9 8.28 31.17 9.63
CA TYR B 9 8.96 30.52 10.73
C TYR B 9 9.13 31.54 11.84
N GLY B 10 8.49 31.32 12.98
CA GLY B 10 8.60 32.24 14.11
C GLY B 10 8.06 33.63 13.81
N GLY B 11 6.83 33.92 14.26
CA GLY B 11 6.17 35.16 13.92
C GLY B 11 4.71 34.86 13.60
N ASP B 12 3.87 34.92 14.64
CA ASP B 12 2.44 34.62 14.55
C ASP B 12 1.92 34.99 13.16
N PRO B 13 1.18 34.09 12.47
CA PRO B 13 0.15 33.24 13.10
C PRO B 13 0.65 31.93 13.69
N PRO B 14 0.23 31.55 14.92
CA PRO B 14 0.55 30.22 15.44
C PRO B 14 -0.09 29.20 14.50
N TRP B 15 0.54 28.03 14.38
CA TRP B 15 0.23 27.10 13.29
C TRP B 15 -1.16 26.47 13.40
N PRO B 16 -1.54 25.86 14.55
CA PRO B 16 -2.92 25.39 14.70
C PRO B 16 -4.01 26.36 14.24
N ARG B 17 -3.75 27.68 14.32
CA ARG B 17 -4.72 28.71 13.93
C ARG B 17 -5.03 28.64 12.44
N VAL B 18 -4.03 28.37 11.58
CA VAL B 18 -4.22 28.25 10.13
C VAL B 18 -4.32 26.77 9.72
N SER B 19 -3.48 25.89 10.30
CA SER B 19 -3.46 24.47 9.97
C SER B 19 -3.66 23.64 11.23
N PRO B 20 -4.91 23.27 11.60
CA PRO B 20 -5.21 22.63 12.87
C PRO B 20 -4.54 21.27 13.11
N ALA B 21 -4.02 20.64 12.05
CA ALA B 21 -3.36 19.35 12.13
C ALA B 21 -2.06 19.48 12.91
N CYS B 22 -1.58 20.72 13.07
CA CYS B 22 -0.34 20.98 13.77
C CYS B 22 -0.56 20.81 15.27
N ALA B 23 -1.83 20.73 15.71
CA ALA B 23 -2.14 20.46 17.11
C ALA B 23 -2.38 18.97 17.33
N GLY B 24 -2.03 18.14 16.34
CA GLY B 24 -2.20 16.70 16.48
C GLY B 24 -1.33 16.14 17.58
N ARG B 25 -1.64 14.90 17.99
CA ARG B 25 -0.97 14.27 19.12
C ARG B 25 0.38 13.71 18.74
N PHE B 26 0.61 13.47 17.43
CA PHE B 26 1.75 12.65 16.99
C PHE B 26 2.57 13.41 15.96
N GLN B 27 3.28 14.44 16.45
CA GLN B 27 3.94 15.44 15.64
C GLN B 27 5.46 15.25 15.69
N SER B 28 6.12 15.98 14.77
CA SER B 28 7.56 16.04 14.60
C SER B 28 8.02 17.50 14.56
N PRO B 29 9.28 17.86 14.94
CA PRO B 29 10.29 16.89 15.39
C PRO B 29 10.17 16.54 16.88
N VAL B 30 11.02 15.62 17.36
CA VAL B 30 11.01 15.17 18.73
C VAL B 30 12.45 15.20 19.26
N ASP B 31 12.59 15.02 20.59
CA ASP B 31 13.88 14.89 21.23
C ASP B 31 14.19 13.41 21.39
N ILE B 32 15.37 12.99 20.91
CA ILE B 32 15.76 11.59 20.92
C ILE B 32 16.58 11.34 22.17
N ARG B 33 16.10 10.43 23.03
CA ARG B 33 16.77 10.03 24.26
C ARG B 33 17.17 8.57 24.10
N PRO B 34 18.40 8.29 23.64
CA PRO B 34 18.79 6.92 23.30
C PRO B 34 18.52 5.88 24.39
N GLN B 35 18.66 6.27 25.67
CA GLN B 35 18.46 5.35 26.78
C GLN B 35 17.03 4.85 26.83
N LEU B 36 16.08 5.58 26.21
CA LEU B 36 14.66 5.25 26.24
C LEU B 36 14.18 4.71 24.89
N ALA B 37 15.09 4.62 23.91
CA ALA B 37 14.79 4.05 22.60
C ALA B 37 14.68 2.54 22.70
N ALA B 38 13.74 1.95 21.93
CA ALA B 38 13.46 0.53 21.94
C ALA B 38 14.30 -0.18 20.87
N PHE B 39 15.20 -1.07 21.30
CA PHE B 39 16.03 -1.79 20.36
C PHE B 39 15.20 -2.86 19.67
N SER B 40 14.99 -2.75 18.36
CA SER B 40 14.41 -3.86 17.63
C SER B 40 15.38 -4.40 16.60
N PRO B 41 15.83 -5.67 16.78
CA PRO B 41 16.69 -6.33 15.79
C PRO B 41 16.02 -6.56 14.44
N ALA B 42 14.73 -6.27 14.31
CA ALA B 42 14.07 -6.43 13.02
C ALA B 42 14.30 -5.21 12.12
N LEU B 43 15.00 -4.17 12.62
CA LEU B 43 15.36 -3.01 11.80
C LEU B 43 16.66 -3.30 11.05
N ARG B 44 16.52 -3.81 9.81
CA ARG B 44 17.62 -4.13 8.89
C ARG B 44 18.29 -2.84 8.40
N PRO B 45 19.53 -2.91 7.86
CA PRO B 45 20.15 -1.73 7.25
C PRO B 45 19.24 -1.15 6.16
N LEU B 46 19.20 0.18 6.03
CA LEU B 46 18.49 0.85 4.95
C LEU B 46 19.14 0.47 3.63
N GLU B 47 18.33 0.40 2.57
CA GLU B 47 18.78 0.11 1.23
C GLU B 47 18.43 1.31 0.36
N LEU B 48 19.45 1.96 -0.22
CA LEU B 48 19.30 3.16 -1.02
C LEU B 48 19.99 2.94 -2.37
N LEU B 49 19.20 2.60 -3.39
CA LEU B 49 19.67 2.30 -4.74
C LEU B 49 19.22 3.39 -5.71
N GLY B 50 20.09 3.71 -6.68
CA GLY B 50 19.82 4.68 -7.72
C GLY B 50 20.18 6.11 -7.33
N PHE B 51 20.91 6.25 -6.21
CA PHE B 51 21.21 7.56 -5.64
C PHE B 51 22.47 8.18 -6.27
N GLN B 52 23.28 7.38 -7.00
CA GLN B 52 24.52 7.87 -7.58
C GLN B 52 24.23 8.49 -8.94
N LEU B 53 23.90 9.79 -8.96
CA LEU B 53 23.35 10.42 -10.15
C LEU B 53 24.49 10.84 -11.08
N PRO B 54 24.29 10.74 -12.42
CA PRO B 54 25.28 11.25 -13.37
C PRO B 54 25.12 12.77 -13.47
N PRO B 55 26.13 13.49 -14.04
CA PRO B 55 26.10 14.95 -14.13
C PRO B 55 24.99 15.56 -14.97
N LEU B 56 24.39 14.75 -15.85
CA LEU B 56 23.25 15.17 -16.65
C LEU B 56 22.19 14.08 -16.58
N PRO B 57 20.89 14.39 -16.37
CA PRO B 57 20.38 15.77 -16.31
C PRO B 57 20.73 16.58 -15.08
N GLU B 58 20.56 17.92 -15.19
CA GLU B 58 20.72 18.82 -14.06
C GLU B 58 19.47 18.73 -13.17
N LEU B 59 19.59 19.27 -11.95
CA LEU B 59 18.58 19.10 -10.91
C LEU B 59 18.09 20.47 -10.47
N ARG B 60 16.79 20.63 -10.28
CA ARG B 60 16.27 21.91 -9.84
C ARG B 60 16.70 22.14 -8.39
N LEU B 61 17.19 23.34 -8.09
CA LEU B 61 17.51 23.76 -6.73
C LEU B 61 16.86 25.11 -6.48
N ARG B 62 16.01 25.23 -5.47
CA ARG B 62 15.09 26.34 -5.34
C ARG B 62 15.12 26.88 -3.91
N ASN B 63 14.89 28.18 -3.76
CA ASN B 63 14.67 28.82 -2.48
C ASN B 63 13.18 29.12 -2.38
N ASN B 64 12.45 28.40 -1.52
CA ASN B 64 11.00 28.54 -1.47
C ASN B 64 10.62 29.47 -0.31
N GLY B 65 11.61 30.15 0.28
CA GLY B 65 11.38 31.01 1.44
C GLY B 65 11.50 30.27 2.77
N HIS B 66 11.23 28.96 2.77
CA HIS B 66 11.17 28.16 3.98
C HIS B 66 12.41 27.28 4.11
N SER B 67 13.00 26.89 2.96
CA SER B 67 14.23 26.12 2.92
C SER B 67 14.86 26.22 1.53
N VAL B 68 16.04 25.57 1.35
CA VAL B 68 16.60 25.32 0.04
C VAL B 68 16.26 23.88 -0.32
N GLN B 69 15.73 23.69 -1.52
CA GLN B 69 15.15 22.42 -1.90
C GLN B 69 15.73 21.96 -3.24
N LEU B 70 16.18 20.69 -3.25
CA LEU B 70 16.65 20.03 -4.45
C LEU B 70 15.62 18.99 -4.90
N THR B 71 15.17 19.10 -6.15
CA THR B 71 14.20 18.16 -6.70
C THR B 71 14.94 16.97 -7.31
N LEU B 72 14.56 15.77 -6.86
CA LEU B 72 15.24 14.55 -7.24
C LEU B 72 14.50 13.89 -8.40
N PRO B 73 15.21 13.21 -9.33
CA PRO B 73 14.56 12.61 -10.48
C PRO B 73 13.98 11.26 -10.10
N PRO B 74 13.23 10.61 -11.02
CA PRO B 74 12.79 9.24 -10.82
C PRO B 74 14.00 8.29 -10.70
N GLY B 75 13.78 7.21 -9.94
CA GLY B 75 14.65 6.06 -9.95
C GLY B 75 15.50 5.97 -8.68
N LEU B 76 15.25 6.86 -7.71
CA LEU B 76 15.94 6.79 -6.42
C LEU B 76 15.08 5.92 -5.50
N GLU B 77 15.50 4.66 -5.27
CA GLU B 77 14.70 3.65 -4.59
C GLU B 77 15.28 3.41 -3.19
N MET B 78 14.38 3.30 -2.21
CA MET B 78 14.76 3.23 -0.81
C MET B 78 13.80 2.26 -0.10
N ALA B 79 14.32 1.45 0.83
CA ALA B 79 13.52 0.50 1.60
C ALA B 79 13.86 0.60 3.08
N LEU B 80 12.81 0.66 3.91
CA LEU B 80 12.91 0.61 5.35
C LEU B 80 12.95 -0.83 5.85
N GLY B 81 12.40 -1.76 5.03
CA GLY B 81 12.47 -3.19 5.31
C GLY B 81 11.90 -3.99 4.16
N PRO B 82 11.73 -5.33 4.31
CA PRO B 82 11.33 -6.19 3.19
C PRO B 82 9.94 -5.83 2.65
N GLY B 83 9.89 -5.45 1.37
CA GLY B 83 8.64 -5.03 0.74
C GLY B 83 8.16 -3.63 1.18
N ARG B 84 8.96 -2.87 1.94
CA ARG B 84 8.53 -1.54 2.34
C ARG B 84 9.38 -0.52 1.58
N GLU B 85 8.96 -0.24 0.34
CA GLU B 85 9.80 0.50 -0.58
C GLU B 85 9.20 1.86 -0.92
N TYR B 86 10.10 2.78 -1.27
CA TYR B 86 9.89 4.22 -1.35
C TYR B 86 10.68 4.74 -2.55
N ARG B 87 10.30 5.91 -3.05
CA ARG B 87 11.07 6.59 -4.07
C ARG B 87 11.28 8.02 -3.58
N ALA B 88 12.51 8.53 -3.72
CA ALA B 88 12.85 9.88 -3.24
C ALA B 88 12.28 10.95 -4.18
N LEU B 89 11.69 12.00 -3.59
CA LEU B 89 11.09 13.10 -4.31
C LEU B 89 12.00 14.32 -4.37
N GLN B 90 12.55 14.68 -3.20
CA GLN B 90 13.18 15.97 -2.96
C GLN B 90 14.05 15.85 -1.71
N LEU B 91 15.04 16.74 -1.56
CA LEU B 91 15.70 16.88 -0.27
C LEU B 91 15.83 18.36 0.04
N HIS B 92 15.90 18.67 1.33
CA HIS B 92 16.03 20.05 1.75
C HIS B 92 16.71 20.10 3.12
N LEU B 93 16.96 21.33 3.62
CA LEU B 93 17.83 21.51 4.77
C LEU B 93 17.16 22.39 5.83
N HIS B 94 17.62 22.25 7.07
CA HIS B 94 17.16 23.05 8.19
C HIS B 94 18.40 23.53 8.91
N TRP B 95 18.42 24.80 9.34
CA TRP B 95 19.67 25.37 9.84
C TRP B 95 19.41 26.57 10.74
N GLY B 96 20.50 27.05 11.36
CA GLY B 96 20.41 28.03 12.44
C GLY B 96 20.63 29.46 11.96
N ALA B 97 21.36 30.23 12.77
CA ALA B 97 21.92 31.51 12.35
C ALA B 97 23.41 31.48 12.68
N ALA B 98 24.02 32.66 12.81
CA ALA B 98 25.38 32.76 13.30
C ALA B 98 25.43 32.28 14.74
N GLY B 99 26.24 31.23 14.98
CA GLY B 99 26.57 30.72 16.31
C GLY B 99 25.36 30.20 17.09
N ARG B 100 24.28 29.83 16.40
CA ARG B 100 23.09 29.29 17.02
C ARG B 100 22.63 28.12 16.16
N PRO B 101 22.51 26.88 16.71
CA PRO B 101 22.19 25.70 15.90
C PRO B 101 20.71 25.62 15.52
N GLY B 102 20.42 24.89 14.43
CA GLY B 102 19.08 24.91 13.85
C GLY B 102 18.63 23.56 13.29
N SER B 103 19.08 22.45 13.88
CA SER B 103 18.55 21.15 13.51
C SER B 103 17.15 21.07 14.09
N GLU B 104 16.31 20.17 13.55
CA GLU B 104 14.91 20.05 13.96
C GLU B 104 14.76 19.04 15.13
N HIS B 105 15.25 17.81 14.92
CA HIS B 105 15.40 16.85 16.01
C HIS B 105 16.59 17.23 16.87
N THR B 106 16.43 16.96 18.17
CA THR B 106 17.49 17.12 19.13
C THR B 106 17.80 15.73 19.68
N VAL B 107 18.99 15.59 20.25
CA VAL B 107 19.43 14.40 20.94
C VAL B 107 19.81 14.79 22.37
N GLU B 108 18.96 14.42 23.33
CA GLU B 108 19.15 14.76 24.72
C GLU B 108 19.31 16.26 24.91
N GLY B 109 18.45 17.05 24.23
CA GLY B 109 18.48 18.51 24.37
C GLY B 109 19.40 19.16 23.35
N HIS B 110 20.49 18.47 22.95
CA HIS B 110 21.46 19.01 22.02
C HIS B 110 20.79 19.28 20.69
N ARG B 111 20.90 20.52 20.20
CA ARG B 111 20.51 20.88 18.86
C ARG B 111 21.77 20.99 18.00
N PHE B 112 21.76 20.34 16.83
CA PHE B 112 22.93 20.33 15.97
C PHE B 112 22.89 21.51 15.00
N PRO B 113 24.02 21.93 14.42
CA PRO B 113 24.02 23.10 13.54
C PRO B 113 22.93 23.04 12.47
N ALA B 114 22.78 21.89 11.81
CA ALA B 114 21.79 21.74 10.74
C ALA B 114 21.33 20.29 10.60
N GLU B 115 20.41 20.06 9.65
CA GLU B 115 19.76 18.78 9.47
C GLU B 115 19.25 18.67 8.04
N ILE B 116 19.61 17.58 7.36
CA ILE B 116 19.10 17.28 6.02
C ILE B 116 17.95 16.30 6.11
N HIS B 117 16.92 16.55 5.28
CA HIS B 117 15.76 15.69 5.13
C HIS B 117 15.63 15.26 3.67
N VAL B 118 15.76 13.94 3.40
CA VAL B 118 15.42 13.36 2.11
C VAL B 118 14.02 12.73 2.18
N VAL B 119 13.06 13.31 1.45
CA VAL B 119 11.64 12.97 1.55
C VAL B 119 11.30 11.97 0.44
N HIS B 120 10.56 10.90 0.82
CA HIS B 120 10.21 9.82 -0.08
C HIS B 120 8.71 9.53 -0.03
N LEU B 121 8.20 8.90 -1.10
CA LEU B 121 6.80 8.51 -1.23
C LEU B 121 6.70 6.99 -1.30
N SER B 122 5.84 6.39 -0.48
CA SER B 122 5.59 4.96 -0.56
C SER B 122 5.22 4.62 -1.99
N THR B 123 5.77 3.50 -2.52
CA THR B 123 5.40 3.03 -3.84
C THR B 123 3.96 2.54 -3.88
N ALA B 124 3.29 2.39 -2.71
CA ALA B 124 1.91 1.96 -2.70
C ALA B 124 0.97 3.10 -3.05
N PHE B 125 1.51 4.33 -3.11
CA PHE B 125 0.77 5.56 -3.36
C PHE B 125 1.33 6.22 -4.63
N ALA B 126 0.44 6.59 -5.57
CA ALA B 126 0.86 7.19 -6.85
C ALA B 126 1.08 8.69 -6.70
N ARG B 127 0.40 9.32 -5.73
CA ARG B 127 0.48 10.76 -5.52
C ARG B 127 0.82 11.08 -4.06
N VAL B 128 1.52 12.19 -3.84
CA VAL B 128 1.85 12.64 -2.48
C VAL B 128 0.57 12.96 -1.72
N ASP B 129 -0.44 13.50 -2.39
CA ASP B 129 -1.63 14.00 -1.71
C ASP B 129 -2.48 12.83 -1.19
N GLU B 130 -2.31 11.63 -1.77
CA GLU B 130 -2.93 10.41 -1.27
C GLU B 130 -2.18 9.89 -0.03
N ALA B 131 -0.85 10.05 -0.04
CA ALA B 131 0.02 9.61 1.03
C ALA B 131 -0.11 10.46 2.29
N LEU B 132 -0.44 11.75 2.13
CA LEU B 132 -0.56 12.64 3.28
C LEU B 132 -1.62 12.12 4.23
N GLY B 133 -1.25 11.96 5.51
CA GLY B 133 -2.19 11.60 6.57
C GLY B 133 -2.37 10.10 6.71
N ARG B 134 -1.77 9.33 5.78
CA ARG B 134 -1.86 7.87 5.79
C ARG B 134 -0.58 7.31 6.40
N PRO B 135 -0.66 6.22 7.22
CA PRO B 135 0.51 5.61 7.84
C PRO B 135 1.51 5.03 6.83
N GLY B 136 2.75 5.51 6.90
CA GLY B 136 3.81 5.02 6.05
C GLY B 136 3.78 5.63 4.64
N GLY B 137 2.80 6.49 4.37
CA GLY B 137 2.65 7.14 3.08
C GLY B 137 3.94 7.85 2.66
N LEU B 138 4.48 8.67 3.59
CA LEU B 138 5.75 9.34 3.37
C LEU B 138 6.77 8.84 4.40
N ALA B 139 8.03 8.72 3.97
CA ALA B 139 9.15 8.47 4.86
C ALA B 139 10.21 9.51 4.59
N VAL B 140 10.89 9.94 5.66
CA VAL B 140 11.97 10.92 5.54
C VAL B 140 13.23 10.32 6.16
N LEU B 141 14.36 10.39 5.44
CA LEU B 141 15.67 10.13 6.03
C LEU B 141 16.24 11.44 6.52
N ALA B 142 16.62 11.49 7.80
CA ALA B 142 17.19 12.70 8.37
C ALA B 142 18.56 12.37 8.98
N ALA B 143 19.49 13.32 8.85
CA ALA B 143 20.86 13.25 9.36
C ALA B 143 21.21 14.61 9.93
N PHE B 144 22.01 14.64 10.99
CA PHE B 144 22.51 15.88 11.57
C PHE B 144 23.79 16.28 10.85
N LEU B 145 23.90 17.56 10.52
CA LEU B 145 25.17 18.13 10.08
C LEU B 145 25.78 18.82 11.28
N GLU B 146 27.04 18.53 11.57
CA GLU B 146 27.76 19.27 12.59
C GLU B 146 29.10 19.73 12.02
N GLU B 147 29.86 20.44 12.85
CA GLU B 147 31.11 21.05 12.43
C GLU B 147 32.26 20.05 12.60
N GLY B 148 33.04 19.89 11.52
CA GLY B 148 34.31 19.20 11.55
C GLY B 148 35.38 20.05 10.87
N PRO B 149 36.66 19.61 10.89
CA PRO B 149 37.75 20.43 10.37
C PRO B 149 37.77 20.55 8.85
N GLU B 150 37.16 19.58 8.16
CA GLU B 150 37.35 19.42 6.72
C GLU B 150 36.25 20.11 5.93
N GLU B 151 36.57 20.49 4.70
CA GLU B 151 35.57 20.90 3.73
C GLU B 151 34.88 19.62 3.24
N ASN B 152 33.53 19.62 3.26
CA ASN B 152 32.75 18.48 2.80
C ASN B 152 32.46 18.62 1.30
N SER B 153 32.97 17.65 0.52
CA SER B 153 32.90 17.69 -0.94
C SER B 153 31.44 17.69 -1.41
N ALA B 154 30.66 16.75 -0.86
CA ALA B 154 29.28 16.54 -1.26
C ALA B 154 28.44 17.79 -1.03
N TYR B 155 28.66 18.49 0.10
CA TYR B 155 27.82 19.62 0.46
C TYR B 155 28.28 20.90 -0.24
N GLU B 156 29.53 20.97 -0.69
CA GLU B 156 30.02 22.09 -1.48
C GLU B 156 29.30 22.18 -2.82
N GLN B 157 28.90 21.03 -3.37
CA GLN B 157 28.15 21.03 -4.61
C GLN B 157 26.92 21.91 -4.48
N LEU B 158 26.25 21.87 -3.32
CA LEU B 158 24.99 22.59 -3.11
C LEU B 158 25.23 24.00 -2.55
N LEU B 159 26.24 24.14 -1.67
CA LEU B 159 26.44 25.34 -0.87
C LEU B 159 27.00 26.46 -1.75
N SER B 160 27.92 26.06 -2.64
CA SER B 160 28.55 26.93 -3.61
C SER B 160 27.56 27.50 -4.64
N ARG B 161 26.32 26.96 -4.69
CA ARG B 161 25.34 27.45 -5.67
C ARG B 161 24.22 28.22 -4.98
N LEU B 162 24.43 28.67 -3.74
CA LEU B 162 23.38 29.27 -2.93
C LEU B 162 23.26 30.78 -3.18
N GLU B 163 24.38 31.46 -3.46
CA GLU B 163 24.38 32.90 -3.72
C GLU B 163 23.58 33.18 -5.00
N GLU B 164 23.50 32.19 -5.89
CA GLU B 164 22.76 32.31 -7.14
C GLU B 164 21.25 32.33 -6.90
N ILE B 165 20.79 31.88 -5.73
CA ILE B 165 19.37 31.76 -5.45
C ILE B 165 19.04 32.41 -4.11
N ALA B 166 19.84 33.43 -3.74
CA ALA B 166 19.65 34.16 -2.50
C ALA B 166 18.23 34.73 -2.40
N GLU B 167 17.68 35.27 -3.50
CA GLU B 167 16.36 35.89 -3.47
C GLU B 167 15.32 34.79 -3.28
N GLU B 168 14.42 34.96 -2.30
CA GLU B 168 13.27 34.10 -2.11
C GLU B 168 12.57 33.87 -3.46
N GLY B 169 12.31 32.61 -3.82
CA GLY B 169 11.57 32.28 -5.02
C GLY B 169 12.49 31.94 -6.20
N SER B 170 13.76 32.34 -6.11
CA SER B 170 14.68 32.14 -7.22
C SER B 170 15.18 30.70 -7.20
N GLU B 171 15.45 30.16 -8.38
CA GLU B 171 15.98 28.82 -8.52
C GLU B 171 17.09 28.79 -9.56
N THR B 172 17.91 27.74 -9.48
CA THR B 172 18.99 27.49 -10.40
C THR B 172 18.91 26.02 -10.85
N GLN B 173 19.87 25.57 -11.66
CA GLN B 173 19.99 24.18 -12.06
C GLN B 173 21.41 23.73 -11.74
N VAL B 174 21.54 22.53 -11.17
CA VAL B 174 22.83 22.05 -10.68
C VAL B 174 23.10 20.70 -11.34
N PRO B 175 24.36 20.35 -11.65
CA PRO B 175 24.65 19.04 -12.22
C PRO B 175 24.28 17.97 -11.20
N GLY B 176 23.87 16.80 -11.69
CA GLY B 176 23.58 15.65 -10.84
C GLY B 176 24.76 15.37 -9.90
N LEU B 177 24.46 14.76 -8.75
CA LEU B 177 25.46 14.44 -7.74
C LEU B 177 25.12 13.12 -7.06
N ASP B 178 26.08 12.52 -6.37
CA ASP B 178 25.81 11.35 -5.55
C ASP B 178 25.07 11.80 -4.29
N ILE B 179 23.75 11.56 -4.27
CA ILE B 179 22.89 12.03 -3.20
C ILE B 179 23.23 11.29 -1.91
N SER B 180 23.67 10.03 -2.03
CA SER B 180 23.99 9.17 -0.91
C SER B 180 25.26 9.63 -0.18
N ALA B 181 26.10 10.45 -0.83
CA ALA B 181 27.28 11.06 -0.22
C ALA B 181 26.92 12.15 0.79
N LEU B 182 25.65 12.60 0.74
CA LEU B 182 25.13 13.61 1.66
C LEU B 182 24.77 12.99 3.01
N LEU B 183 25.04 11.68 3.19
CA LEU B 183 24.44 10.87 4.24
C LEU B 183 25.52 10.10 4.99
N PRO B 184 25.29 9.80 6.30
CA PRO B 184 26.31 9.17 7.13
C PRO B 184 26.80 7.79 6.68
N SER B 185 27.82 7.31 7.38
CA SER B 185 28.59 6.16 6.99
C SER B 185 27.78 4.86 7.17
N ASP B 186 27.06 4.73 8.30
CA ASP B 186 26.50 3.45 8.70
C ASP B 186 24.98 3.50 8.57
N PHE B 187 24.45 2.79 7.56
CA PHE B 187 23.02 2.72 7.25
C PHE B 187 22.27 1.71 8.13
N SER B 188 22.96 1.11 9.11
CA SER B 188 22.38 0.10 9.95
C SER B 188 22.11 0.65 11.35
N ARG B 189 22.43 1.94 11.55
CA ARG B 189 22.37 2.62 12.83
C ARG B 189 21.57 3.90 12.67
N TYR B 190 20.32 3.82 13.13
CA TYR B 190 19.33 4.86 12.97
C TYR B 190 18.28 4.71 14.06
N PHE B 191 17.59 5.81 14.31
CA PHE B 191 16.39 5.86 15.13
C PHE B 191 15.18 5.99 14.20
N GLN B 192 14.04 5.39 14.57
CA GLN B 192 12.85 5.41 13.75
C GLN B 192 11.60 5.65 14.60
N TYR B 193 10.64 6.40 14.04
CA TYR B 193 9.40 6.67 14.73
C TYR B 193 8.40 7.25 13.73
N GLU B 194 7.12 7.28 14.11
CA GLU B 194 6.08 7.86 13.29
C GLU B 194 5.66 9.26 13.81
N GLY B 195 5.53 10.20 12.86
CA GLY B 195 5.32 11.59 13.18
C GLY B 195 4.64 12.33 12.04
N SER B 196 5.03 13.60 11.87
CA SER B 196 4.34 14.52 10.99
C SER B 196 5.33 15.26 10.09
N LEU B 197 4.79 16.03 9.15
CA LEU B 197 5.58 17.10 8.56
C LEU B 197 5.86 18.14 9.63
N THR B 198 7.01 18.81 9.56
CA THR B 198 7.41 19.77 10.58
C THR B 198 7.01 21.20 10.20
N THR B 199 6.26 21.34 9.10
CA THR B 199 5.65 22.61 8.73
C THR B 199 4.21 22.30 8.31
N PRO B 200 3.28 23.28 8.26
CA PRO B 200 1.96 23.01 7.68
C PRO B 200 2.09 22.30 6.33
N PRO B 201 1.19 21.36 5.98
CA PRO B 201 0.04 21.02 6.81
C PRO B 201 0.15 20.10 8.05
N CYS B 202 1.38 19.76 8.48
CA CYS B 202 1.63 18.99 9.70
C CYS B 202 0.88 17.66 9.69
N ALA B 203 0.83 17.00 8.52
CA ALA B 203 0.16 15.72 8.37
C ALA B 203 0.94 14.66 9.13
N GLN B 204 0.21 13.75 9.78
CA GLN B 204 0.79 12.64 10.52
C GLN B 204 0.91 11.42 9.60
N GLY B 205 1.50 10.32 10.10
CA GLY B 205 1.72 9.12 9.31
C GLY B 205 3.08 9.09 8.60
N VAL B 206 4.00 10.01 8.96
CA VAL B 206 5.32 10.08 8.34
C VAL B 206 6.25 9.21 9.18
N ILE B 207 6.91 8.24 8.53
CA ILE B 207 7.96 7.45 9.16
C ILE B 207 9.26 8.25 9.07
N TRP B 208 9.68 8.76 10.22
CA TRP B 208 10.98 9.39 10.34
C TRP B 208 12.04 8.34 10.66
N THR B 209 13.12 8.35 9.85
CA THR B 209 14.33 7.64 10.16
C THR B 209 15.47 8.64 10.33
N VAL B 210 16.09 8.65 11.53
CA VAL B 210 17.13 9.60 11.88
C VAL B 210 18.45 8.86 12.15
N PHE B 211 19.41 9.03 11.25
CA PHE B 211 20.71 8.40 11.37
C PHE B 211 21.32 8.71 12.72
N GLN B 212 21.98 7.70 13.28
CA GLN B 212 22.67 7.83 14.57
C GLN B 212 23.93 8.67 14.40
N GLN B 213 24.65 8.47 13.27
CA GLN B 213 25.86 9.20 12.95
C GLN B 213 25.54 10.50 12.22
N THR B 214 26.48 11.43 12.33
CA THR B 214 26.30 12.75 11.77
C THR B 214 27.19 12.87 10.55
N VAL B 215 27.02 13.96 9.80
CA VAL B 215 27.98 14.32 8.78
C VAL B 215 28.58 15.68 9.18
N MET B 216 29.80 15.94 8.70
CA MET B 216 30.59 17.08 9.13
C MET B 216 30.80 18.07 7.98
N LEU B 217 30.69 19.36 8.29
CA LEU B 217 30.98 20.45 7.37
C LEU B 217 31.96 21.40 8.04
N SER B 218 32.66 22.20 7.23
CA SER B 218 33.54 23.24 7.75
C SER B 218 32.68 24.33 8.37
N ALA B 219 33.26 25.11 9.28
CA ALA B 219 32.60 26.31 9.80
C ALA B 219 32.16 27.24 8.66
N LYS B 220 33.00 27.37 7.61
CA LYS B 220 32.72 28.22 6.45
C LYS B 220 31.45 27.72 5.75
N GLN B 221 31.36 26.39 5.52
CA GLN B 221 30.22 25.75 4.88
C GLN B 221 28.93 26.00 5.68
N LEU B 222 28.99 25.81 7.00
CA LEU B 222 27.85 26.06 7.86
C LEU B 222 27.48 27.55 7.86
N HIS B 223 28.49 28.43 7.93
CA HIS B 223 28.26 29.87 7.76
C HIS B 223 27.65 30.13 6.38
N THR B 224 28.22 29.53 5.32
CA THR B 224 27.63 29.71 4.00
C THR B 224 26.12 29.44 4.03
N LEU B 225 25.68 28.40 4.76
CA LEU B 225 24.31 27.92 4.69
C LEU B 225 23.33 28.81 5.45
N SER B 226 23.72 29.26 6.66
CA SER B 226 22.88 30.13 7.47
C SER B 226 22.84 31.56 6.95
N ASP B 227 23.87 31.98 6.20
CA ASP B 227 24.16 33.40 6.02
C ASP B 227 23.98 33.86 4.57
N THR B 228 23.34 33.07 3.70
CA THR B 228 23.24 33.46 2.30
C THR B 228 21.80 33.78 1.89
N LEU B 229 20.82 33.08 2.45
CA LEU B 229 19.49 33.05 1.85
C LEU B 229 18.55 34.09 2.51
N TRP B 230 17.64 34.64 1.68
CA TRP B 230 16.60 35.59 2.10
C TRP B 230 15.22 34.91 2.05
N GLY B 231 14.44 35.11 3.13
CA GLY B 231 13.12 34.50 3.28
C GLY B 231 12.00 35.48 2.95
N PRO B 232 10.76 35.26 3.45
CA PRO B 232 9.69 36.25 3.31
C PRO B 232 10.01 37.54 4.05
N GLY B 233 9.44 38.67 3.59
CA GLY B 233 9.70 39.98 4.18
C GLY B 233 11.09 40.50 3.80
N ASP B 234 11.68 41.29 4.69
CA ASP B 234 13.02 41.83 4.48
C ASP B 234 14.04 40.97 5.24
N SER B 235 13.62 39.75 5.60
CA SER B 235 14.28 38.95 6.62
C SER B 235 15.16 37.87 6.00
N ARG B 236 16.05 37.31 6.82
CA ARG B 236 16.96 36.26 6.38
C ARG B 236 16.30 34.90 6.60
N LEU B 237 16.68 33.93 5.76
CA LEU B 237 16.14 32.59 5.88
C LEU B 237 17.06 31.79 6.81
N GLN B 238 16.61 31.69 8.07
CA GLN B 238 17.39 31.19 9.19
C GLN B 238 16.45 30.67 10.26
N LEU B 239 16.99 29.87 11.20
CA LEU B 239 16.21 29.27 12.28
C LEU B 239 14.91 28.68 11.72
N ASN B 240 15.04 27.94 10.61
CA ASN B 240 13.91 27.33 9.91
C ASN B 240 13.69 25.91 10.45
N PHE B 241 13.28 25.86 11.72
CA PHE B 241 13.18 24.62 12.47
C PHE B 241 11.99 24.76 13.43
N ARG B 242 11.26 23.65 13.62
CA ARG B 242 10.08 23.66 14.46
C ARG B 242 10.51 23.24 15.88
N ALA B 243 9.85 23.79 16.89
CA ALA B 243 10.14 23.42 18.25
C ALA B 243 9.81 21.95 18.47
N THR B 244 10.64 21.31 19.30
CA THR B 244 10.52 19.92 19.71
C THR B 244 9.10 19.64 20.22
N GLN B 245 8.45 18.65 19.58
CA GLN B 245 7.10 18.20 19.87
C GLN B 245 7.14 17.00 20.80
N PRO B 246 6.13 16.81 21.68
CA PRO B 246 6.13 15.69 22.63
C PRO B 246 5.73 14.35 21.98
N LEU B 247 6.22 13.24 22.57
CA LEU B 247 6.10 11.92 21.97
C LEU B 247 4.69 11.36 22.21
N ASN B 248 4.05 11.79 23.31
CA ASN B 248 2.71 11.38 23.70
C ASN B 248 2.55 9.86 23.65
N GLY B 249 3.51 9.13 24.21
CA GLY B 249 3.39 7.69 24.36
C GLY B 249 4.11 6.89 23.28
N ARG B 250 4.52 7.57 22.18
CA ARG B 250 5.27 6.91 21.11
C ARG B 250 6.63 6.47 21.68
N VAL B 251 7.11 5.30 21.26
CA VAL B 251 8.45 4.83 21.63
C VAL B 251 9.30 4.83 20.36
N ILE B 252 10.37 5.65 20.38
CA ILE B 252 11.35 5.70 19.31
C ILE B 252 12.11 4.37 19.33
N GLU B 253 12.19 3.71 18.17
CA GLU B 253 12.93 2.46 18.10
C GLU B 253 14.35 2.79 17.64
N ALA B 254 15.26 1.84 17.89
CA ALA B 254 16.64 1.95 17.51
C ALA B 254 17.06 0.65 16.84
N SER B 255 17.97 0.73 15.86
CA SER B 255 18.42 -0.44 15.11
C SER B 255 19.65 -1.09 15.74
N PHE B 256 19.94 -0.80 17.01
CA PHE B 256 21.18 -1.23 17.65
C PHE B 256 21.01 -1.22 19.16
N PRO B 257 21.77 -2.05 19.91
CA PRO B 257 21.74 -2.01 21.37
C PRO B 257 22.31 -0.68 21.88
N TRP C 7 23.32 -21.99 -34.16
CA TRP C 7 23.75 -22.99 -33.13
C TRP C 7 22.51 -23.57 -32.47
N ARG C 8 22.69 -24.75 -31.84
CA ARG C 8 21.60 -25.45 -31.19
C ARG C 8 22.11 -26.13 -29.92
N TYR C 9 21.22 -26.32 -28.94
CA TYR C 9 21.54 -27.07 -27.75
C TYR C 9 21.58 -28.56 -28.11
N GLY C 10 22.69 -29.24 -27.82
CA GLY C 10 22.85 -30.65 -28.12
C GLY C 10 22.66 -30.97 -29.60
N GLY C 11 23.68 -30.70 -30.42
CA GLY C 11 23.57 -30.87 -31.85
C GLY C 11 24.39 -29.81 -32.58
N ASP C 12 25.55 -30.24 -33.09
CA ASP C 12 26.52 -29.37 -33.72
C ASP C 12 25.83 -28.41 -34.69
N PRO C 13 26.39 -27.20 -34.95
CA PRO C 13 27.83 -26.89 -34.79
C PRO C 13 28.45 -26.86 -33.39
N PRO C 14 29.75 -27.24 -33.25
CA PRO C 14 30.48 -27.07 -31.98
C PRO C 14 30.56 -25.58 -31.65
N TRP C 15 30.57 -25.21 -30.37
CA TRP C 15 30.29 -23.83 -30.00
C TRP C 15 31.48 -22.91 -30.29
N PRO C 16 32.76 -23.31 -30.07
CA PRO C 16 33.90 -22.55 -30.61
C PRO C 16 33.93 -22.31 -32.12
N ARG C 17 33.34 -23.21 -32.93
CA ARG C 17 33.26 -23.02 -34.38
C ARG C 17 32.37 -21.81 -34.68
N VAL C 18 31.22 -21.72 -33.98
CA VAL C 18 30.27 -20.63 -34.15
C VAL C 18 30.74 -19.39 -33.38
N SER C 19 31.53 -19.58 -32.30
CA SER C 19 31.90 -18.51 -31.38
C SER C 19 33.19 -18.89 -30.63
N PRO C 20 34.41 -18.53 -31.13
CA PRO C 20 35.66 -18.85 -30.43
C PRO C 20 35.77 -18.41 -28.98
N ALA C 21 34.99 -17.38 -28.56
CA ALA C 21 34.92 -16.94 -27.17
C ALA C 21 34.55 -18.11 -26.27
N CYS C 22 33.69 -19.01 -26.78
CA CYS C 22 33.20 -20.16 -26.02
C CYS C 22 34.33 -21.12 -25.62
N ALA C 23 35.54 -20.93 -26.16
CA ALA C 23 36.70 -21.68 -25.73
C ALA C 23 37.62 -20.80 -24.89
N GLY C 24 37.07 -19.75 -24.27
CA GLY C 24 37.84 -18.95 -23.32
C GLY C 24 38.10 -19.73 -22.04
N ARG C 25 38.96 -19.17 -21.18
CA ARG C 25 39.43 -19.87 -20.00
C ARG C 25 38.47 -19.72 -18.83
N PHE C 26 37.57 -18.72 -18.88
CA PHE C 26 36.78 -18.36 -17.71
C PHE C 26 35.31 -18.39 -18.10
N GLN C 27 34.82 -19.61 -18.36
CA GLN C 27 33.48 -19.81 -18.90
C GLN C 27 32.57 -20.29 -17.78
N SER C 28 31.26 -20.27 -18.09
CA SER C 28 30.15 -20.65 -17.22
C SER C 28 29.24 -21.57 -18.03
N PRO C 29 28.46 -22.50 -17.42
CA PRO C 29 28.32 -22.64 -15.96
C PRO C 29 29.43 -23.50 -15.39
N VAL C 30 29.46 -23.66 -14.06
CA VAL C 30 30.53 -24.38 -13.38
C VAL C 30 29.96 -25.26 -12.28
N ASP C 31 30.85 -26.12 -11.74
CA ASP C 31 30.52 -27.04 -10.69
C ASP C 31 30.94 -26.43 -9.36
N ILE C 32 29.97 -26.25 -8.46
CA ILE C 32 30.21 -25.62 -7.18
C ILE C 32 30.47 -26.71 -6.14
N ARG C 33 31.63 -26.62 -5.49
CA ARG C 33 32.07 -27.59 -4.51
C ARG C 33 32.25 -26.83 -3.20
N PRO C 34 31.16 -26.71 -2.40
CA PRO C 34 31.08 -25.77 -1.29
C PRO C 34 32.18 -25.76 -0.24
N GLN C 35 32.92 -26.87 -0.13
CA GLN C 35 33.97 -27.00 0.87
C GLN C 35 35.31 -26.52 0.28
N LEU C 36 35.35 -26.26 -1.04
CA LEU C 36 36.47 -25.61 -1.68
C LEU C 36 36.15 -24.15 -2.02
N ALA C 37 34.89 -23.75 -1.85
CA ALA C 37 34.52 -22.35 -1.91
C ALA C 37 35.20 -21.59 -0.76
N ALA C 38 35.29 -20.27 -0.89
CA ALA C 38 36.04 -19.43 0.03
C ALA C 38 35.11 -18.45 0.75
N PHE C 39 35.02 -18.56 2.08
CA PHE C 39 34.18 -17.65 2.86
C PHE C 39 34.78 -16.25 2.78
N SER C 40 33.99 -15.32 2.25
CA SER C 40 34.43 -13.95 2.05
C SER C 40 33.46 -13.04 2.79
N PRO C 41 33.72 -12.72 4.08
CA PRO C 41 32.84 -11.88 4.90
C PRO C 41 32.39 -10.54 4.31
N ALA C 42 33.08 -10.06 3.28
CA ALA C 42 32.76 -8.78 2.66
C ALA C 42 31.58 -8.92 1.69
N LEU C 43 31.15 -10.15 1.43
CA LEU C 43 29.99 -10.39 0.59
C LEU C 43 28.74 -10.09 1.40
N ARG C 44 28.12 -8.93 1.16
CA ARG C 44 27.02 -8.49 2.02
C ARG C 44 25.73 -9.01 1.41
N PRO C 45 24.55 -8.87 2.06
CA PRO C 45 23.28 -9.31 1.47
C PRO C 45 22.89 -8.55 0.21
N LEU C 46 22.36 -9.30 -0.77
CA LEU C 46 21.89 -8.73 -2.02
C LEU C 46 20.72 -7.78 -1.74
N GLU C 47 20.65 -6.67 -2.50
CA GLU C 47 19.59 -5.68 -2.36
C GLU C 47 18.83 -5.61 -3.69
N LEU C 48 17.52 -5.92 -3.65
CA LEU C 48 16.69 -5.95 -4.85
C LEU C 48 15.48 -5.03 -4.62
N LEU C 49 15.50 -3.83 -5.21
CA LEU C 49 14.40 -2.88 -5.10
C LEU C 49 13.68 -2.74 -6.44
N GLY C 50 12.36 -2.49 -6.37
CA GLY C 50 11.54 -2.24 -7.54
C GLY C 50 11.02 -3.50 -8.24
N PHE C 51 11.22 -4.69 -7.62
CA PHE C 51 10.92 -5.97 -8.25
C PHE C 51 9.45 -6.35 -8.08
N GLN C 52 8.73 -5.64 -7.20
CA GLN C 52 7.34 -5.96 -6.92
C GLN C 52 6.49 -5.19 -7.91
N LEU C 53 6.26 -5.80 -9.09
CA LEU C 53 5.61 -5.09 -10.17
C LEU C 53 4.10 -5.14 -9.98
N PRO C 54 3.35 -4.10 -10.44
CA PRO C 54 1.89 -4.11 -10.43
C PRO C 54 1.39 -4.96 -11.60
N PRO C 55 0.05 -5.17 -11.74
CA PRO C 55 -0.47 -5.94 -12.87
C PRO C 55 -0.31 -5.28 -14.25
N LEU C 56 -0.27 -3.94 -14.30
CA LEU C 56 -0.08 -3.19 -15.55
C LEU C 56 1.05 -2.18 -15.37
N PRO C 57 1.94 -1.99 -16.38
CA PRO C 57 1.84 -2.68 -17.67
C PRO C 57 2.09 -4.18 -17.70
N GLU C 58 1.83 -4.80 -18.85
CA GLU C 58 2.09 -6.21 -19.08
C GLU C 58 3.54 -6.41 -19.54
N LEU C 59 4.06 -7.62 -19.32
CA LEU C 59 5.43 -7.95 -19.67
C LEU C 59 5.42 -8.96 -20.83
N ARG C 60 6.42 -8.83 -21.70
CA ARG C 60 6.56 -9.68 -22.87
C ARG C 60 7.22 -10.99 -22.49
N LEU C 61 6.51 -12.10 -22.74
CA LEU C 61 7.06 -13.44 -22.56
C LEU C 61 7.16 -14.13 -23.93
N ARG C 62 8.40 -14.43 -24.38
CA ARG C 62 8.69 -14.94 -25.72
C ARG C 62 9.29 -16.34 -25.61
N ASN C 63 9.05 -17.16 -26.64
CA ASN C 63 9.80 -18.39 -26.89
C ASN C 63 10.84 -18.07 -27.96
N ASN C 64 12.12 -18.10 -27.59
CA ASN C 64 13.20 -17.73 -28.51
C ASN C 64 13.82 -19.00 -29.08
N GLY C 65 13.31 -20.17 -28.66
CA GLY C 65 13.75 -21.45 -29.19
C GLY C 65 14.89 -22.05 -28.37
N HIS C 66 15.58 -21.20 -27.59
CA HIS C 66 16.69 -21.59 -26.72
C HIS C 66 16.25 -21.55 -25.25
N SER C 67 15.24 -20.73 -24.95
CA SER C 67 14.58 -20.69 -23.64
C SER C 67 13.28 -19.90 -23.72
N VAL C 68 12.61 -19.75 -22.56
CA VAL C 68 11.51 -18.82 -22.38
C VAL C 68 12.04 -17.61 -21.63
N GLN C 69 11.68 -16.41 -22.13
CA GLN C 69 12.32 -15.20 -21.66
C GLN C 69 11.26 -14.17 -21.31
N LEU C 70 11.38 -13.59 -20.12
CA LEU C 70 10.51 -12.49 -19.70
C LEU C 70 11.28 -11.17 -19.78
N THR C 71 10.71 -10.18 -20.47
CA THR C 71 11.32 -8.86 -20.56
C THR C 71 10.90 -8.02 -19.37
N LEU C 72 11.89 -7.67 -18.53
CA LEU C 72 11.64 -6.89 -17.34
C LEU C 72 11.70 -5.42 -17.72
N PRO C 73 10.87 -4.56 -17.10
CA PRO C 73 10.89 -3.13 -17.38
C PRO C 73 11.98 -2.37 -16.61
N PRO C 74 12.19 -1.08 -16.92
CA PRO C 74 13.14 -0.27 -16.16
C PRO C 74 12.64 -0.16 -14.72
N GLY C 75 13.58 -0.06 -13.76
CA GLY C 75 13.25 0.25 -12.38
C GLY C 75 13.54 -0.90 -11.41
N LEU C 76 13.87 -2.08 -11.95
CA LEU C 76 14.36 -3.16 -11.12
C LEU C 76 15.85 -2.91 -10.82
N GLU C 77 16.16 -2.50 -9.59
CA GLU C 77 17.53 -2.13 -9.22
C GLU C 77 18.09 -3.16 -8.26
N MET C 78 19.36 -3.54 -8.49
CA MET C 78 20.00 -4.58 -7.72
C MET C 78 21.42 -4.12 -7.36
N ALA C 79 21.90 -4.49 -6.16
CA ALA C 79 23.25 -4.16 -5.70
C ALA C 79 23.96 -5.42 -5.21
N LEU C 80 25.18 -5.67 -5.74
CA LEU C 80 26.06 -6.75 -5.28
C LEU C 80 26.88 -6.27 -4.08
N GLY C 81 27.06 -4.94 -3.97
CA GLY C 81 27.81 -4.31 -2.91
C GLY C 81 27.61 -2.80 -2.91
N PRO C 82 28.31 -2.03 -2.03
CA PRO C 82 28.11 -0.57 -1.98
C PRO C 82 28.55 0.09 -3.29
N GLY C 83 27.59 0.69 -3.99
CA GLY C 83 27.88 1.46 -5.19
C GLY C 83 28.13 0.57 -6.39
N ARG C 84 27.94 -0.74 -6.19
CA ARG C 84 28.05 -1.73 -7.23
C ARG C 84 26.63 -2.14 -7.60
N GLU C 85 25.99 -1.27 -8.38
CA GLU C 85 24.58 -1.42 -8.68
C GLU C 85 24.36 -1.83 -10.12
N TYR C 86 23.17 -2.41 -10.34
CA TYR C 86 22.70 -3.06 -11.55
C TYR C 86 21.21 -2.76 -11.74
N ARG C 87 20.71 -3.01 -12.95
CA ARG C 87 19.29 -2.93 -13.23
C ARG C 87 18.93 -4.16 -14.06
N ALA C 88 17.82 -4.82 -13.73
CA ALA C 88 17.41 -6.06 -14.37
C ALA C 88 16.84 -5.80 -15.77
N LEU C 89 17.21 -6.69 -16.72
CA LEU C 89 16.84 -6.59 -18.14
C LEU C 89 15.76 -7.59 -18.51
N GLN C 90 15.97 -8.83 -18.03
CA GLN C 90 15.16 -10.00 -18.40
C GLN C 90 15.48 -11.13 -17.42
N LEU C 91 14.64 -12.18 -17.47
CA LEU C 91 14.95 -13.45 -16.85
C LEU C 91 14.48 -14.58 -17.77
N HIS C 92 15.09 -15.75 -17.60
CA HIS C 92 14.76 -16.91 -18.40
C HIS C 92 15.11 -18.18 -17.62
N LEU C 93 14.74 -19.34 -18.18
CA LEU C 93 14.95 -20.60 -17.48
C LEU C 93 15.76 -21.61 -18.30
N HIS C 94 16.29 -22.62 -17.59
CA HIS C 94 17.02 -23.75 -18.12
C HIS C 94 16.48 -25.03 -17.47
N TRP C 95 16.27 -26.10 -18.25
CA TRP C 95 15.56 -27.27 -17.75
C TRP C 95 15.87 -28.53 -18.56
N GLY C 96 15.53 -29.69 -17.96
CA GLY C 96 15.89 -30.99 -18.50
C GLY C 96 14.79 -31.54 -19.40
N ALA C 97 14.54 -32.85 -19.29
CA ALA C 97 13.38 -33.50 -19.90
C ALA C 97 12.69 -34.36 -18.84
N ALA C 98 11.66 -35.08 -19.25
CA ALA C 98 11.00 -36.04 -18.36
C ALA C 98 12.07 -36.92 -17.72
N GLY C 99 12.13 -36.87 -16.37
CA GLY C 99 12.97 -37.76 -15.59
C GLY C 99 14.42 -37.33 -15.50
N ARG C 100 14.81 -36.26 -16.21
CA ARG C 100 16.22 -35.88 -16.32
C ARG C 100 16.40 -34.40 -16.00
N PRO C 101 17.39 -34.04 -15.15
CA PRO C 101 17.59 -32.65 -14.74
C PRO C 101 18.28 -31.81 -15.82
N GLY C 102 18.13 -30.48 -15.72
CA GLY C 102 18.71 -29.57 -16.69
C GLY C 102 19.02 -28.20 -16.09
N SER C 103 19.54 -28.18 -14.86
CA SER C 103 20.12 -26.97 -14.32
C SER C 103 21.46 -26.78 -15.03
N GLU C 104 21.94 -25.53 -15.14
CA GLU C 104 23.23 -25.29 -15.77
C GLU C 104 24.35 -25.55 -14.76
N HIS C 105 24.26 -24.86 -13.62
CA HIS C 105 25.22 -25.06 -12.56
C HIS C 105 24.86 -26.36 -11.83
N THR C 106 25.91 -26.98 -11.25
CA THR C 106 25.76 -28.21 -10.50
C THR C 106 26.45 -27.96 -9.17
N VAL C 107 26.09 -28.73 -8.13
CA VAL C 107 26.73 -28.68 -6.82
C VAL C 107 27.26 -30.07 -6.45
N GLU C 108 28.60 -30.16 -6.31
CA GLU C 108 29.31 -31.42 -6.13
C GLU C 108 28.75 -32.47 -7.09
N GLY C 109 28.71 -32.17 -8.39
CA GLY C 109 28.24 -33.12 -9.37
C GLY C 109 26.72 -33.11 -9.55
N HIS C 110 25.95 -32.69 -8.53
CA HIS C 110 24.49 -32.80 -8.56
C HIS C 110 23.88 -31.70 -9.43
N ARG C 111 23.19 -32.10 -10.49
CA ARG C 111 22.44 -31.20 -11.34
C ARG C 111 20.98 -31.15 -10.88
N PHE C 112 20.42 -29.94 -10.79
CA PHE C 112 19.09 -29.71 -10.24
C PHE C 112 18.07 -29.79 -11.38
N PRO C 113 16.77 -30.06 -11.09
CA PRO C 113 15.76 -30.16 -12.13
C PRO C 113 15.71 -28.99 -13.13
N ALA C 114 15.92 -27.77 -12.64
CA ALA C 114 15.90 -26.58 -13.49
C ALA C 114 16.63 -25.44 -12.77
N GLU C 115 16.70 -24.26 -13.41
CA GLU C 115 17.48 -23.14 -12.91
C GLU C 115 16.91 -21.84 -13.49
N ILE C 116 16.76 -20.82 -12.64
CA ILE C 116 16.37 -19.50 -13.10
C ILE C 116 17.60 -18.60 -13.16
N HIS C 117 17.68 -17.81 -14.23
CA HIS C 117 18.71 -16.81 -14.42
C HIS C 117 18.00 -15.47 -14.62
N VAL C 118 18.37 -14.48 -13.79
CA VAL C 118 17.90 -13.09 -13.92
C VAL C 118 19.10 -12.22 -14.30
N VAL C 119 19.03 -11.58 -15.49
CA VAL C 119 20.16 -10.92 -16.12
C VAL C 119 20.03 -9.41 -15.92
N HIS C 120 21.15 -8.80 -15.45
CA HIS C 120 21.26 -7.41 -15.01
C HIS C 120 22.41 -6.70 -15.73
N LEU C 121 22.33 -5.37 -15.82
CA LEU C 121 23.33 -4.54 -16.47
C LEU C 121 23.87 -3.51 -15.48
N SER C 122 25.20 -3.45 -15.33
CA SER C 122 25.82 -2.43 -14.49
C SER C 122 25.29 -1.06 -14.88
N THR C 123 24.96 -0.25 -13.87
CA THR C 123 24.50 1.11 -14.11
C THR C 123 25.63 1.99 -14.64
N ALA C 124 26.87 1.47 -14.65
CA ALA C 124 28.02 2.17 -15.20
C ALA C 124 28.03 2.13 -16.74
N PHE C 125 27.22 1.23 -17.33
CA PHE C 125 27.11 1.04 -18.77
C PHE C 125 25.68 1.36 -19.19
N ALA C 126 25.51 2.15 -20.27
CA ALA C 126 24.18 2.51 -20.76
C ALA C 126 23.53 1.38 -21.57
N ARG C 127 24.34 0.56 -22.26
CA ARG C 127 23.82 -0.49 -23.14
C ARG C 127 24.48 -1.81 -22.81
N VAL C 128 23.81 -2.91 -23.18
CA VAL C 128 24.37 -4.23 -22.91
C VAL C 128 25.66 -4.44 -23.70
N ASP C 129 25.74 -3.90 -24.94
CA ASP C 129 26.84 -4.24 -25.84
C ASP C 129 28.13 -3.53 -25.44
N GLU C 130 28.03 -2.40 -24.72
CA GLU C 130 29.18 -1.82 -24.05
C GLU C 130 29.63 -2.69 -22.87
N ALA C 131 28.69 -3.39 -22.24
CA ALA C 131 28.95 -4.13 -21.03
C ALA C 131 29.54 -5.50 -21.35
N LEU C 132 29.13 -6.11 -22.47
CA LEU C 132 29.64 -7.43 -22.84
C LEU C 132 31.16 -7.40 -22.89
N GLY C 133 31.79 -8.41 -22.26
CA GLY C 133 33.22 -8.64 -22.36
C GLY C 133 33.98 -7.86 -21.27
N ARG C 134 33.30 -6.85 -20.70
CA ARG C 134 33.87 -5.97 -19.68
C ARG C 134 33.56 -6.56 -18.31
N PRO C 135 34.52 -6.44 -17.36
CA PRO C 135 34.42 -7.08 -16.05
C PRO C 135 33.36 -6.42 -15.17
N GLY C 136 32.35 -7.19 -14.79
CA GLY C 136 31.28 -6.69 -13.95
C GLY C 136 30.17 -6.03 -14.75
N GLY C 137 30.31 -5.98 -16.07
CA GLY C 137 29.37 -5.27 -16.91
C GLY C 137 27.99 -5.89 -16.84
N LEU C 138 27.94 -7.22 -16.66
CA LEU C 138 26.70 -7.94 -16.47
C LEU C 138 26.78 -8.81 -15.23
N ALA C 139 25.63 -8.96 -14.57
CA ALA C 139 25.47 -9.79 -13.38
C ALA C 139 24.20 -10.63 -13.54
N VAL C 140 24.35 -11.93 -13.29
CA VAL C 140 23.24 -12.86 -13.29
C VAL C 140 23.04 -13.36 -11.88
N LEU C 141 21.80 -13.28 -11.37
CA LEU C 141 21.38 -14.02 -10.19
C LEU C 141 20.83 -15.35 -10.66
N ALA C 142 21.46 -16.46 -10.21
CA ALA C 142 20.96 -17.80 -10.50
C ALA C 142 20.37 -18.44 -9.24
N ALA C 143 19.20 -19.08 -9.40
CA ALA C 143 18.67 -19.97 -8.37
C ALA C 143 18.29 -21.33 -8.95
N PHE C 144 18.39 -22.36 -8.10
CA PHE C 144 17.99 -23.72 -8.46
C PHE C 144 16.50 -23.93 -8.20
N LEU C 145 15.85 -24.68 -9.09
CA LEU C 145 14.50 -25.13 -8.85
C LEU C 145 14.56 -26.63 -8.63
N GLU C 146 13.99 -27.10 -7.51
CA GLU C 146 13.80 -28.53 -7.27
C GLU C 146 12.31 -28.86 -7.20
N GLU C 147 12.04 -30.17 -7.14
CA GLU C 147 10.72 -30.67 -6.85
C GLU C 147 10.49 -30.62 -5.34
N GLY C 148 9.41 -29.94 -4.96
CA GLY C 148 8.85 -30.03 -3.63
C GLY C 148 7.37 -30.39 -3.69
N PRO C 149 6.70 -30.55 -2.52
CA PRO C 149 5.34 -31.08 -2.49
C PRO C 149 4.24 -30.13 -2.98
N GLU C 150 4.53 -28.83 -3.11
CA GLU C 150 3.48 -27.85 -3.34
C GLU C 150 3.62 -27.11 -4.68
N GLU C 151 2.46 -26.75 -5.22
CA GLU C 151 2.35 -25.81 -6.32
C GLU C 151 2.91 -24.46 -5.90
N ASN C 152 3.88 -23.98 -6.68
CA ASN C 152 4.51 -22.68 -6.51
C ASN C 152 3.70 -21.66 -7.28
N SER C 153 3.10 -20.70 -6.58
CA SER C 153 2.13 -19.82 -7.21
C SER C 153 2.83 -18.71 -7.99
N ALA C 154 4.05 -18.33 -7.60
CA ALA C 154 4.82 -17.31 -8.29
C ALA C 154 5.21 -17.77 -9.70
N TYR C 155 5.63 -19.04 -9.80
CA TYR C 155 6.02 -19.63 -11.07
C TYR C 155 4.81 -20.02 -11.91
N GLU C 156 3.73 -20.47 -11.27
CA GLU C 156 2.48 -20.74 -11.98
C GLU C 156 2.11 -19.58 -12.91
N GLN C 157 2.41 -18.33 -12.52
CA GLN C 157 2.00 -17.16 -13.29
C GLN C 157 2.60 -17.16 -14.70
N LEU C 158 3.75 -17.86 -14.84
CA LEU C 158 4.47 -18.02 -16.09
C LEU C 158 4.14 -19.37 -16.75
N LEU C 159 4.23 -20.46 -15.98
CA LEU C 159 4.08 -21.82 -16.52
C LEU C 159 2.69 -22.04 -17.14
N SER C 160 1.69 -21.34 -16.59
CA SER C 160 0.32 -21.40 -17.08
C SER C 160 0.18 -20.62 -18.40
N ARG C 161 1.25 -19.92 -18.81
CA ARG C 161 1.23 -19.18 -20.05
C ARG C 161 2.14 -19.84 -21.08
N LEU C 162 2.82 -20.94 -20.70
CA LEU C 162 3.77 -21.61 -21.58
C LEU C 162 3.06 -22.20 -22.80
N GLU C 163 1.82 -22.67 -22.61
CA GLU C 163 1.09 -23.38 -23.64
C GLU C 163 0.81 -22.44 -24.82
N GLU C 164 0.66 -21.14 -24.54
CA GLU C 164 0.28 -20.16 -25.55
C GLU C 164 1.43 -19.78 -26.47
N ILE C 165 2.67 -20.13 -26.08
CA ILE C 165 3.87 -19.77 -26.84
C ILE C 165 4.68 -21.01 -27.16
N ALA C 166 4.01 -22.15 -27.41
CA ALA C 166 4.72 -23.43 -27.54
C ALA C 166 5.61 -23.43 -28.78
N GLU C 167 5.15 -22.70 -29.82
CA GLU C 167 5.88 -22.54 -31.07
C GLU C 167 7.12 -21.70 -30.80
N GLU C 168 8.28 -22.18 -31.30
CA GLU C 168 9.49 -21.38 -31.37
C GLU C 168 9.18 -20.03 -32.03
N GLY C 169 9.64 -18.92 -31.42
CA GLY C 169 9.51 -17.59 -31.98
C GLY C 169 8.22 -16.85 -31.57
N SER C 170 7.28 -17.53 -30.92
CA SER C 170 6.03 -16.87 -30.54
C SER C 170 6.15 -16.27 -29.14
N GLU C 171 5.24 -15.33 -28.83
CA GLU C 171 5.35 -14.53 -27.62
C GLU C 171 3.97 -14.08 -27.17
N THR C 172 3.84 -13.72 -25.88
CA THR C 172 2.58 -13.23 -25.35
C THR C 172 2.86 -12.17 -24.27
N GLN C 173 1.83 -11.36 -23.99
CA GLN C 173 1.84 -10.43 -22.87
C GLN C 173 1.26 -11.09 -21.63
N VAL C 174 2.04 -11.08 -20.54
CA VAL C 174 1.56 -11.53 -19.23
C VAL C 174 1.39 -10.30 -18.35
N PRO C 175 0.51 -10.33 -17.32
CA PRO C 175 0.41 -9.21 -16.38
C PRO C 175 1.63 -9.19 -15.46
N GLY C 176 1.94 -8.02 -14.90
CA GLY C 176 3.07 -7.89 -13.99
C GLY C 176 2.97 -8.85 -12.80
N LEU C 177 4.14 -9.32 -12.35
CA LEU C 177 4.24 -10.15 -11.16
C LEU C 177 5.35 -9.63 -10.25
N ASP C 178 5.36 -10.12 -9.00
CA ASP C 178 6.44 -9.83 -8.09
C ASP C 178 7.62 -10.70 -8.50
N ILE C 179 8.62 -10.07 -9.11
CA ILE C 179 9.75 -10.82 -9.64
C ILE C 179 10.53 -11.47 -8.49
N SER C 180 10.67 -10.75 -7.35
CA SER C 180 11.44 -11.28 -6.24
C SER C 180 10.82 -12.56 -5.65
N ALA C 181 9.53 -12.82 -5.93
CA ALA C 181 8.84 -14.00 -5.41
C ALA C 181 9.32 -15.29 -6.08
N LEU C 182 10.11 -15.17 -7.16
CA LEU C 182 10.63 -16.31 -7.90
C LEU C 182 11.99 -16.72 -7.36
N LEU C 183 12.51 -15.96 -6.41
CA LEU C 183 13.85 -16.19 -5.89
C LEU C 183 13.82 -16.72 -4.46
N PRO C 184 14.92 -17.39 -4.04
CA PRO C 184 15.05 -17.94 -2.68
C PRO C 184 14.85 -16.94 -1.53
N SER C 185 14.88 -17.45 -0.30
CA SER C 185 14.53 -16.70 0.90
C SER C 185 15.67 -15.87 1.46
N ASP C 186 16.85 -16.48 1.60
CA ASP C 186 17.96 -15.80 2.22
C ASP C 186 18.82 -15.15 1.15
N PHE C 187 18.75 -13.81 1.10
CA PHE C 187 19.55 -13.02 0.17
C PHE C 187 20.97 -12.80 0.71
N SER C 188 21.32 -13.45 1.82
CA SER C 188 22.62 -13.26 2.47
C SER C 188 23.52 -14.47 2.24
N ARG C 189 22.98 -15.50 1.58
CA ARG C 189 23.61 -16.80 1.42
C ARG C 189 23.70 -17.15 -0.07
N TYR C 190 24.91 -17.02 -0.64
CA TYR C 190 25.11 -17.24 -2.07
C TYR C 190 26.58 -17.55 -2.36
N PHE C 191 26.76 -18.10 -3.56
CA PHE C 191 28.06 -18.30 -4.17
C PHE C 191 28.24 -17.26 -5.26
N GLN C 192 29.49 -16.81 -5.48
CA GLN C 192 29.81 -15.80 -6.47
C GLN C 192 31.15 -16.11 -7.14
N TYR C 193 31.17 -16.02 -8.47
CA TYR C 193 32.39 -16.11 -9.26
C TYR C 193 32.19 -15.27 -10.51
N GLU C 194 33.27 -15.09 -11.28
CA GLU C 194 33.24 -14.37 -12.55
C GLU C 194 33.35 -15.37 -13.68
N GLY C 195 32.42 -15.32 -14.63
CA GLY C 195 32.33 -16.31 -15.69
C GLY C 195 31.92 -15.67 -17.01
N SER C 196 30.94 -16.27 -17.69
CA SER C 196 30.57 -15.90 -19.04
C SER C 196 29.06 -16.06 -19.29
N LEU C 197 28.61 -15.64 -20.47
CA LEU C 197 27.33 -16.12 -20.95
C LEU C 197 27.46 -17.63 -21.14
N THR C 198 26.37 -18.37 -20.91
CA THR C 198 26.41 -19.82 -21.01
C THR C 198 25.91 -20.26 -22.38
N THR C 199 25.65 -19.30 -23.28
CA THR C 199 25.47 -19.60 -24.70
C THR C 199 26.36 -18.65 -25.48
N PRO C 200 26.52 -18.82 -26.81
CA PRO C 200 27.22 -17.83 -27.62
C PRO C 200 26.50 -16.49 -27.49
N PRO C 201 27.22 -15.34 -27.48
CA PRO C 201 28.68 -15.31 -27.73
C PRO C 201 29.68 -15.70 -26.63
N CYS C 202 29.20 -16.20 -25.48
CA CYS C 202 30.03 -16.70 -24.39
C CYS C 202 30.94 -15.61 -23.82
N ALA C 203 30.44 -14.36 -23.81
CA ALA C 203 31.25 -13.23 -23.40
C ALA C 203 31.60 -13.38 -21.92
N GLN C 204 32.87 -13.17 -21.58
CA GLN C 204 33.33 -13.32 -20.21
C GLN C 204 33.16 -12.00 -19.48
N GLY C 205 33.47 -11.99 -18.17
CA GLY C 205 33.29 -10.81 -17.32
C GLY C 205 31.94 -10.77 -16.59
N VAL C 206 31.12 -11.81 -16.74
CA VAL C 206 29.82 -11.88 -16.07
C VAL C 206 30.05 -12.28 -14.62
N ILE C 207 29.56 -11.48 -13.68
CA ILE C 207 29.55 -11.86 -12.27
C ILE C 207 28.35 -12.78 -12.04
N TRP C 208 28.64 -14.01 -11.58
CA TRP C 208 27.61 -15.00 -11.27
C TRP C 208 27.43 -15.13 -9.76
N THR C 209 26.17 -14.91 -9.35
CA THR C 209 25.72 -15.11 -7.98
C THR C 209 24.73 -16.26 -8.00
N VAL C 210 25.09 -17.35 -7.33
CA VAL C 210 24.23 -18.52 -7.26
C VAL C 210 23.77 -18.65 -5.81
N PHE C 211 22.45 -18.56 -5.61
CA PHE C 211 21.85 -18.69 -4.30
C PHE C 211 22.20 -20.02 -3.64
N GLN C 212 22.43 -19.99 -2.33
CA GLN C 212 22.71 -21.23 -1.63
C GLN C 212 21.41 -22.04 -1.50
N GLN C 213 20.26 -21.35 -1.46
CA GLN C 213 18.97 -22.00 -1.25
C GLN C 213 18.26 -22.28 -2.57
N THR C 214 17.52 -23.39 -2.59
CA THR C 214 16.72 -23.73 -3.76
C THR C 214 15.34 -23.07 -3.67
N VAL C 215 14.55 -23.32 -4.71
CA VAL C 215 13.15 -22.91 -4.76
C VAL C 215 12.40 -24.15 -5.23
N MET C 216 11.19 -24.36 -4.70
CA MET C 216 10.51 -25.63 -4.93
C MET C 216 9.27 -25.46 -5.83
N LEU C 217 9.21 -26.32 -6.85
CA LEU C 217 8.07 -26.43 -7.75
C LEU C 217 7.45 -27.83 -7.61
N SER C 218 6.17 -27.98 -7.96
CA SER C 218 5.52 -29.29 -7.96
C SER C 218 6.06 -30.09 -9.13
N ALA C 219 5.66 -31.36 -9.23
CA ALA C 219 5.98 -32.15 -10.41
C ALA C 219 5.15 -31.70 -11.62
N LYS C 220 3.88 -31.34 -11.41
CA LYS C 220 3.04 -30.83 -12.49
C LYS C 220 3.70 -29.60 -13.12
N GLN C 221 4.49 -28.86 -12.33
CA GLN C 221 5.07 -27.59 -12.77
C GLN C 221 6.41 -27.80 -13.48
N LEU C 222 7.24 -28.71 -12.98
CA LEU C 222 8.47 -29.06 -13.68
C LEU C 222 8.15 -29.76 -14.99
N HIS C 223 7.21 -30.73 -14.95
CA HIS C 223 6.75 -31.36 -16.17
C HIS C 223 6.29 -30.29 -17.16
N THR C 224 5.36 -29.42 -16.74
CA THR C 224 4.87 -28.34 -17.60
C THR C 224 6.02 -27.57 -18.25
N LEU C 225 7.14 -27.41 -17.53
CA LEU C 225 8.25 -26.58 -17.99
C LEU C 225 9.00 -27.27 -19.13
N SER C 226 9.34 -28.56 -18.96
CA SER C 226 10.11 -29.28 -19.96
C SER C 226 9.24 -29.71 -21.15
N ASP C 227 7.95 -30.01 -20.90
CA ASP C 227 7.13 -30.74 -21.86
C ASP C 227 6.28 -29.82 -22.73
N THR C 228 6.12 -28.53 -22.37
CA THR C 228 5.18 -27.67 -23.06
C THR C 228 5.77 -27.05 -24.32
N LEU C 229 7.10 -26.86 -24.36
CA LEU C 229 7.70 -25.95 -25.32
C LEU C 229 8.34 -26.69 -26.48
N TRP C 230 8.24 -26.08 -27.68
CA TRP C 230 8.82 -26.59 -28.92
C TRP C 230 9.98 -25.69 -29.34
N GLY C 231 11.12 -26.33 -29.67
CA GLY C 231 12.37 -25.65 -29.97
C GLY C 231 12.63 -25.54 -31.48
N PRO C 232 13.92 -25.62 -31.93
CA PRO C 232 14.24 -25.45 -33.35
C PRO C 232 14.10 -26.76 -34.12
N GLY C 233 13.56 -26.66 -35.35
CA GLY C 233 13.10 -27.83 -36.11
C GLY C 233 11.78 -28.36 -35.53
N ASP C 234 11.28 -29.46 -36.10
CA ASP C 234 10.15 -30.17 -35.53
C ASP C 234 10.67 -30.91 -34.29
N SER C 235 10.88 -30.16 -33.20
CA SER C 235 11.77 -30.60 -32.12
C SER C 235 11.38 -29.96 -30.79
N ARG C 236 11.57 -30.69 -29.68
CA ARG C 236 11.17 -30.22 -28.35
C ARG C 236 12.25 -29.32 -27.75
N LEU C 237 11.81 -28.28 -27.03
CA LEU C 237 12.71 -27.41 -26.29
C LEU C 237 12.94 -27.99 -24.90
N GLN C 238 14.09 -28.66 -24.75
CA GLN C 238 14.45 -29.40 -23.56
C GLN C 238 15.97 -29.42 -23.44
N LEU C 239 16.48 -29.89 -22.30
CA LEU C 239 17.90 -30.04 -22.08
C LEU C 239 18.64 -28.84 -22.69
N ASN C 240 18.25 -27.62 -22.24
CA ASN C 240 18.81 -26.36 -22.75
C ASN C 240 19.82 -25.82 -21.73
N PHE C 241 20.85 -26.62 -21.44
CA PHE C 241 21.91 -26.22 -20.53
C PHE C 241 23.27 -26.49 -21.18
N ARG C 242 24.34 -26.03 -20.51
CA ARG C 242 25.70 -26.20 -21.01
C ARG C 242 26.46 -27.02 -19.98
N ALA C 243 27.34 -27.92 -20.45
CA ALA C 243 28.15 -28.72 -19.55
C ALA C 243 28.94 -27.77 -18.67
N THR C 244 29.20 -28.18 -17.43
CA THR C 244 29.96 -27.33 -16.55
C THR C 244 31.37 -27.17 -17.13
N GLN C 245 31.97 -26.01 -16.85
CA GLN C 245 33.22 -25.61 -17.45
C GLN C 245 34.28 -25.61 -16.36
N PRO C 246 35.58 -25.81 -16.70
CA PRO C 246 36.64 -25.76 -15.69
C PRO C 246 36.79 -24.35 -15.14
N LEU C 247 37.22 -24.30 -13.86
CA LEU C 247 37.40 -23.06 -13.14
C LEU C 247 38.66 -22.36 -13.64
N ASN C 248 39.67 -23.16 -14.03
CA ASN C 248 40.96 -22.67 -14.50
C ASN C 248 41.56 -21.69 -13.49
N GLY C 249 41.55 -22.10 -12.21
CA GLY C 249 42.23 -21.36 -11.16
C GLY C 249 41.30 -20.40 -10.42
N ARG C 250 40.06 -20.26 -10.89
CA ARG C 250 39.10 -19.36 -10.25
C ARG C 250 38.60 -20.03 -8.98
N VAL C 251 38.61 -19.25 -7.90
CA VAL C 251 38.11 -19.68 -6.61
C VAL C 251 36.71 -19.09 -6.41
N ILE C 252 35.71 -19.97 -6.32
CA ILE C 252 34.34 -19.59 -6.02
C ILE C 252 34.26 -19.12 -4.57
N GLU C 253 33.56 -18.00 -4.37
CA GLU C 253 33.45 -17.36 -3.07
C GLU C 253 32.08 -17.69 -2.49
N ALA C 254 31.96 -17.64 -1.17
CA ALA C 254 30.70 -17.92 -0.48
C ALA C 254 30.44 -16.82 0.53
N SER C 255 29.18 -16.34 0.60
CA SER C 255 28.80 -15.26 1.50
C SER C 255 28.66 -15.75 2.94
N PHE C 256 28.84 -17.06 3.16
CA PHE C 256 28.54 -17.71 4.43
C PHE C 256 29.59 -18.78 4.75
N PRO C 257 29.83 -19.06 6.05
CA PRO C 257 30.76 -20.11 6.46
C PRO C 257 30.12 -21.51 6.47
N TRP D 7 -12.60 -18.73 -6.84
CA TRP D 7 -11.59 -19.45 -6.00
C TRP D 7 -12.31 -20.34 -4.98
N ARG D 8 -11.63 -21.41 -4.56
CA ARG D 8 -12.05 -22.26 -3.45
C ARG D 8 -10.83 -23.01 -2.92
N TYR D 9 -10.82 -23.35 -1.61
CA TYR D 9 -9.79 -24.18 -1.02
C TYR D 9 -9.77 -25.54 -1.73
N GLY D 10 -8.62 -26.24 -1.70
CA GLY D 10 -8.53 -27.60 -2.22
C GLY D 10 -8.33 -27.66 -3.74
N GLY D 11 -9.30 -27.15 -4.51
CA GLY D 11 -9.31 -27.26 -5.96
C GLY D 11 -8.75 -26.02 -6.67
N ASP D 12 -9.15 -25.83 -7.93
CA ASP D 12 -8.66 -24.77 -8.81
C ASP D 12 -9.78 -23.74 -9.00
N PRO D 13 -9.54 -22.53 -9.59
CA PRO D 13 -8.35 -22.19 -10.37
C PRO D 13 -7.17 -21.68 -9.53
N PRO D 14 -5.92 -21.68 -10.08
CA PRO D 14 -4.77 -21.13 -9.37
C PRO D 14 -5.02 -19.73 -8.81
N TRP D 15 -4.39 -19.41 -7.66
CA TRP D 15 -4.68 -18.20 -6.91
C TRP D 15 -4.02 -16.95 -7.53
N PRO D 16 -2.85 -17.04 -8.23
CA PRO D 16 -2.36 -15.91 -9.04
C PRO D 16 -3.21 -15.54 -10.27
N ARG D 17 -4.00 -16.49 -10.79
CA ARG D 17 -4.96 -16.25 -11.85
C ARG D 17 -6.11 -15.40 -11.33
N VAL D 18 -6.60 -15.75 -10.12
CA VAL D 18 -7.70 -15.03 -9.48
C VAL D 18 -7.19 -13.63 -9.09
N SER D 19 -6.03 -13.56 -8.42
CA SER D 19 -5.42 -12.30 -8.03
C SER D 19 -3.89 -12.40 -8.05
N PRO D 20 -3.19 -11.59 -8.89
CA PRO D 20 -1.74 -11.70 -9.06
C PRO D 20 -0.94 -11.56 -7.75
N ALA D 21 -1.54 -10.88 -6.77
CA ALA D 21 -0.92 -10.60 -5.47
C ALA D 21 -0.79 -11.85 -4.60
N CYS D 22 -1.46 -12.97 -4.99
CA CYS D 22 -1.28 -14.25 -4.32
C CYS D 22 0.02 -14.93 -4.76
N ALA D 23 0.84 -14.24 -5.56
CA ALA D 23 2.19 -14.69 -5.87
C ALA D 23 3.24 -13.76 -5.27
N GLY D 24 2.80 -12.82 -4.43
CA GLY D 24 3.72 -11.94 -3.73
C GLY D 24 4.77 -12.72 -2.95
N ARG D 25 5.82 -12.00 -2.55
CA ARG D 25 6.93 -12.59 -1.82
C ARG D 25 6.66 -12.61 -0.31
N PHE D 26 5.73 -11.73 0.13
CA PHE D 26 5.51 -11.47 1.55
C PHE D 26 4.07 -11.81 1.91
N GLN D 27 3.80 -13.12 2.01
CA GLN D 27 2.44 -13.65 2.11
C GLN D 27 2.21 -14.24 3.50
N SER D 28 0.94 -14.54 3.76
CA SER D 28 0.49 -15.08 5.03
C SER D 28 -0.37 -16.30 4.73
N PRO D 29 -0.56 -17.26 5.67
CA PRO D 29 0.03 -17.23 7.01
C PRO D 29 1.50 -17.67 7.02
N VAL D 30 2.11 -17.72 8.21
CA VAL D 30 3.50 -18.11 8.30
C VAL D 30 3.69 -19.04 9.50
N ASP D 31 4.89 -19.63 9.55
CA ASP D 31 5.26 -20.50 10.65
C ASP D 31 6.04 -19.62 11.62
N ILE D 32 5.57 -19.56 12.86
CA ILE D 32 6.20 -18.71 13.85
C ILE D 32 7.23 -19.57 14.57
N ARG D 33 8.51 -19.21 14.43
CA ARG D 33 9.56 -19.87 15.20
C ARG D 33 9.99 -18.90 16.30
N PRO D 34 9.45 -19.00 17.55
CA PRO D 34 9.71 -17.99 18.59
C PRO D 34 11.18 -17.62 18.77
N GLN D 35 12.08 -18.62 18.70
CA GLN D 35 13.50 -18.36 18.86
C GLN D 35 14.05 -17.38 17.82
N LEU D 36 13.41 -17.23 16.64
CA LEU D 36 13.96 -16.37 15.58
C LEU D 36 13.21 -15.04 15.55
N ALA D 37 12.32 -14.84 16.54
CA ALA D 37 11.53 -13.63 16.59
C ALA D 37 12.37 -12.58 17.30
N ALA D 38 12.24 -11.32 16.87
CA ALA D 38 12.96 -10.19 17.44
C ALA D 38 12.13 -9.60 18.58
N PHE D 39 12.65 -9.62 19.80
CA PHE D 39 12.00 -8.92 20.90
C PHE D 39 12.09 -7.42 20.64
N SER D 40 10.94 -6.73 20.74
CA SER D 40 10.83 -5.31 20.50
CA SER D 40 10.88 -5.29 20.56
C SER D 40 10.01 -4.66 21.60
N PRO D 41 10.61 -3.99 22.62
CA PRO D 41 9.84 -3.36 23.70
C PRO D 41 8.84 -2.29 23.30
N ALA D 42 8.91 -1.78 22.07
CA ALA D 42 7.97 -0.79 21.57
C ALA D 42 6.59 -1.41 21.32
N LEU D 43 6.50 -2.75 21.31
CA LEU D 43 5.21 -3.43 21.20
C LEU D 43 4.53 -3.49 22.56
N ARG D 44 3.63 -2.53 22.75
CA ARG D 44 2.83 -2.37 23.95
C ARG D 44 1.58 -3.24 23.84
N PRO D 45 0.86 -3.41 24.98
CA PRO D 45 -0.43 -4.10 24.96
C PRO D 45 -1.44 -3.46 24.00
N LEU D 46 -2.17 -4.32 23.30
CA LEU D 46 -3.24 -3.90 22.42
C LEU D 46 -4.37 -3.27 23.24
N GLU D 47 -5.03 -2.25 22.66
CA GLU D 47 -6.15 -1.59 23.31
C GLU D 47 -7.37 -1.70 22.40
N LEU D 48 -8.42 -2.35 22.89
CA LEU D 48 -9.70 -2.40 22.20
C LEU D 48 -10.67 -1.45 22.90
N LEU D 49 -11.65 -0.94 22.18
CA LEU D 49 -12.59 -0.04 22.81
C LEU D 49 -13.90 -0.13 22.03
N GLY D 50 -14.96 -0.53 22.72
CA GLY D 50 -16.28 -0.65 22.11
C GLY D 50 -16.61 -2.07 21.66
N PHE D 51 -15.83 -3.08 22.10
CA PHE D 51 -16.08 -4.45 21.71
C PHE D 51 -17.18 -5.08 22.57
N GLN D 52 -17.61 -4.37 23.62
CA GLN D 52 -18.64 -4.89 24.49
C GLN D 52 -19.97 -4.27 24.06
N LEU D 53 -20.68 -5.04 23.23
CA LEU D 53 -21.82 -4.54 22.48
C LEU D 53 -23.11 -4.78 23.24
N PRO D 54 -24.11 -3.89 23.07
CA PRO D 54 -25.46 -4.15 23.57
C PRO D 54 -26.01 -5.25 22.66
N PRO D 55 -27.05 -5.98 23.09
CA PRO D 55 -27.58 -7.11 22.31
C PRO D 55 -28.32 -6.68 21.05
N LEU D 56 -28.91 -5.48 21.03
CA LEU D 56 -29.49 -4.88 19.82
C LEU D 56 -28.72 -3.62 19.50
N PRO D 57 -28.44 -3.32 18.21
CA PRO D 57 -28.88 -4.15 17.08
C PRO D 57 -28.10 -5.46 16.87
N GLU D 58 -28.74 -6.43 16.20
CA GLU D 58 -28.12 -7.74 15.98
C GLU D 58 -27.01 -7.63 14.93
N LEU D 59 -26.17 -8.68 14.86
CA LEU D 59 -25.07 -8.78 13.92
C LEU D 59 -25.40 -9.86 12.89
N ARG D 60 -24.84 -9.77 11.68
CA ARG D 60 -25.04 -10.80 10.68
C ARG D 60 -23.90 -11.81 10.71
N LEU D 61 -24.27 -13.07 10.96
CA LEU D 61 -23.37 -14.20 10.91
C LEU D 61 -23.61 -14.92 9.59
N ARG D 62 -22.54 -15.21 8.83
CA ARG D 62 -22.66 -15.68 7.46
C ARG D 62 -21.75 -16.88 7.18
N ASN D 63 -22.31 -17.90 6.51
CA ASN D 63 -21.55 -18.95 5.88
C ASN D 63 -21.25 -18.48 4.46
N ASN D 64 -20.01 -18.04 4.22
CA ASN D 64 -19.62 -17.53 2.91
C ASN D 64 -18.95 -18.62 2.09
N GLY D 65 -19.03 -19.89 2.53
CA GLY D 65 -18.53 -21.02 1.77
C GLY D 65 -17.08 -21.36 2.10
N HIS D 66 -16.30 -20.32 2.48
CA HIS D 66 -14.88 -20.40 2.77
C HIS D 66 -14.63 -20.30 4.29
N SER D 67 -15.60 -19.71 5.00
CA SER D 67 -15.51 -19.49 6.44
C SER D 67 -16.89 -19.18 6.99
N VAL D 68 -17.00 -19.09 8.33
CA VAL D 68 -18.13 -18.44 8.97
C VAL D 68 -17.68 -17.04 9.39
N GLN D 69 -18.47 -16.02 9.07
CA GLN D 69 -18.05 -14.64 9.22
C GLN D 69 -19.10 -13.84 9.99
N LEU D 70 -18.66 -13.18 11.07
CA LEU D 70 -19.48 -12.22 11.80
C LEU D 70 -19.11 -10.80 11.36
N THR D 71 -20.12 -10.05 10.88
CA THR D 71 -19.92 -8.67 10.48
C THR D 71 -20.04 -7.78 11.70
N LEU D 72 -19.05 -6.94 11.93
CA LEU D 72 -19.06 -6.12 13.13
C LEU D 72 -19.55 -4.72 12.76
N PRO D 73 -20.27 -4.04 13.68
CA PRO D 73 -20.80 -2.69 13.41
C PRO D 73 -19.78 -1.58 13.58
N PRO D 74 -20.15 -0.31 13.34
CA PRO D 74 -19.25 0.83 13.61
C PRO D 74 -18.99 0.97 15.13
N GLY D 75 -17.88 1.60 15.50
CA GLY D 75 -17.62 1.99 16.88
C GLY D 75 -16.68 1.05 17.64
N LEU D 76 -16.10 0.05 16.95
CA LEU D 76 -15.13 -0.86 17.54
C LEU D 76 -13.74 -0.40 17.13
N GLU D 77 -13.03 0.17 18.11
CA GLU D 77 -11.72 0.76 17.88
C GLU D 77 -10.67 -0.14 18.51
N MET D 78 -9.61 -0.40 17.76
CA MET D 78 -8.47 -1.18 18.20
C MET D 78 -7.23 -0.35 17.91
N ALA D 79 -6.24 -0.31 18.80
CA ALA D 79 -5.00 0.40 18.53
C ALA D 79 -3.82 -0.53 18.76
N LEU D 80 -2.88 -0.54 17.81
CA LEU D 80 -1.70 -1.40 17.89
C LEU D 80 -0.64 -0.73 18.77
N GLY D 81 -0.89 0.56 19.04
CA GLY D 81 -0.02 1.40 19.85
C GLY D 81 -0.42 2.87 19.69
N PRO D 82 0.18 3.80 20.46
CA PRO D 82 -0.11 5.23 20.27
C PRO D 82 -0.03 5.64 18.79
N GLY D 83 -1.16 6.12 18.26
CA GLY D 83 -1.20 6.67 16.91
C GLY D 83 -1.39 5.60 15.83
N ARG D 84 -1.51 4.31 16.20
CA ARG D 84 -1.75 3.23 15.24
C ARG D 84 -3.17 2.70 15.44
N GLU D 85 -4.17 3.35 14.82
CA GLU D 85 -5.57 3.14 15.16
C GLU D 85 -6.35 2.55 14.00
N TYR D 86 -7.34 1.71 14.35
CA TYR D 86 -8.06 0.85 13.44
C TYR D 86 -9.51 0.69 13.92
N ARG D 87 -10.39 0.40 12.96
CA ARG D 87 -11.79 0.13 13.23
C ARG D 87 -12.09 -1.32 12.81
N ALA D 88 -12.76 -2.09 13.66
CA ALA D 88 -13.00 -3.49 13.34
C ALA D 88 -14.11 -3.59 12.30
N LEU D 89 -13.98 -4.57 11.38
CA LEU D 89 -14.88 -4.74 10.26
C LEU D 89 -15.67 -6.03 10.42
N GLN D 90 -14.94 -7.13 10.65
CA GLN D 90 -15.53 -8.44 10.71
C GLN D 90 -14.53 -9.37 11.38
N LEU D 91 -15.04 -10.50 11.87
CA LEU D 91 -14.19 -11.62 12.26
C LEU D 91 -14.74 -12.90 11.63
N HIS D 92 -13.88 -13.92 11.56
CA HIS D 92 -14.22 -15.20 10.97
C HIS D 92 -13.23 -16.25 11.46
N LEU D 93 -13.52 -17.50 11.11
CA LEU D 93 -12.87 -18.67 11.71
C LEU D 93 -12.26 -19.54 10.61
N HIS D 94 -11.14 -20.16 10.99
CA HIS D 94 -10.44 -21.16 10.21
C HIS D 94 -10.29 -22.42 11.07
N TRP D 95 -10.54 -23.58 10.48
CA TRP D 95 -10.62 -24.83 11.22
C TRP D 95 -10.36 -26.01 10.29
N GLY D 96 -10.29 -27.21 10.86
CA GLY D 96 -9.95 -28.39 10.09
C GLY D 96 -11.09 -29.39 10.00
N ALA D 97 -10.81 -30.62 10.43
CA ALA D 97 -11.75 -31.73 10.35
C ALA D 97 -11.46 -32.69 11.50
N ALA D 98 -12.27 -33.75 11.62
CA ALA D 98 -12.20 -34.69 12.72
C ALA D 98 -10.77 -35.21 12.91
N GLY D 99 -10.17 -34.89 14.06
CA GLY D 99 -8.80 -35.29 14.39
C GLY D 99 -7.75 -34.63 13.49
N ARG D 100 -8.05 -33.43 12.95
CA ARG D 100 -7.13 -32.75 12.06
C ARG D 100 -7.17 -31.24 12.31
N PRO D 101 -6.03 -30.64 12.69
CA PRO D 101 -6.00 -29.22 13.02
C PRO D 101 -6.15 -28.35 11.78
N GLY D 102 -6.66 -27.12 11.96
CA GLY D 102 -6.97 -26.27 10.83
C GLY D 102 -6.61 -24.79 11.01
N SER D 103 -5.68 -24.48 11.93
CA SER D 103 -5.25 -23.10 12.10
C SER D 103 -4.42 -22.72 10.88
N GLU D 104 -4.34 -21.41 10.59
CA GLU D 104 -3.61 -20.93 9.42
C GLU D 104 -2.13 -20.76 9.76
N HIS D 105 -1.87 -20.05 10.85
CA HIS D 105 -0.53 -19.92 11.38
C HIS D 105 -0.18 -21.20 12.13
N THR D 106 1.13 -21.43 12.23
CA THR D 106 1.70 -22.53 13.00
C THR D 106 2.76 -21.95 13.93
N VAL D 107 3.08 -22.68 15.01
CA VAL D 107 4.18 -22.34 15.88
C VAL D 107 5.10 -23.57 15.94
N GLU D 108 6.33 -23.42 15.42
CA GLU D 108 7.34 -24.46 15.39
C GLU D 108 6.75 -25.69 14.72
N GLY D 109 6.04 -25.47 13.61
CA GLY D 109 5.43 -26.54 12.86
C GLY D 109 4.09 -26.96 13.41
N HIS D 110 3.74 -26.63 14.66
CA HIS D 110 2.50 -27.12 15.26
C HIS D 110 1.31 -26.37 14.68
N ARG D 111 0.30 -27.11 14.20
CA ARG D 111 -0.94 -26.53 13.72
C ARG D 111 -1.99 -26.71 14.80
N PHE D 112 -2.75 -25.66 15.09
CA PHE D 112 -3.70 -25.64 16.19
C PHE D 112 -5.07 -26.01 15.65
N PRO D 113 -5.98 -26.53 16.48
CA PRO D 113 -7.30 -26.96 16.00
C PRO D 113 -7.98 -25.96 15.06
N ALA D 114 -8.06 -24.68 15.49
CA ALA D 114 -8.72 -23.64 14.72
C ALA D 114 -8.09 -22.28 15.02
N GLU D 115 -8.57 -21.23 14.34
CA GLU D 115 -7.99 -19.89 14.49
C GLU D 115 -9.04 -18.83 14.19
N ILE D 116 -9.04 -17.75 14.97
CA ILE D 116 -9.97 -16.64 14.74
C ILE D 116 -9.18 -15.47 14.19
N HIS D 117 -9.77 -14.76 13.21
CA HIS D 117 -9.22 -13.54 12.63
C HIS D 117 -10.19 -12.38 12.83
N VAL D 118 -9.70 -11.27 13.41
CA VAL D 118 -10.46 -10.04 13.51
C VAL D 118 -9.80 -8.99 12.63
N VAL D 119 -10.50 -8.65 11.53
CA VAL D 119 -9.96 -7.82 10.48
C VAL D 119 -10.38 -6.38 10.75
N HIS D 120 -9.38 -5.46 10.67
CA HIS D 120 -9.56 -4.05 10.97
C HIS D 120 -9.09 -3.19 9.79
N LEU D 121 -9.62 -1.96 9.72
CA LEU D 121 -9.27 -0.97 8.71
C LEU D 121 -8.63 0.26 9.37
N SER D 122 -7.49 0.73 8.84
CA SER D 122 -6.85 1.92 9.38
C SER D 122 -7.86 3.05 9.38
N THR D 123 -7.85 3.87 10.44
CA THR D 123 -8.72 5.03 10.49
C THR D 123 -8.32 6.06 9.42
N ALA D 124 -7.14 5.90 8.79
CA ALA D 124 -6.70 6.85 7.77
C ALA D 124 -7.46 6.66 6.44
N PHE D 125 -8.26 5.58 6.33
CA PHE D 125 -8.96 5.15 5.13
C PHE D 125 -10.45 4.90 5.41
N ALA D 126 -11.32 5.32 4.49
CA ALA D 126 -12.75 5.14 4.63
C ALA D 126 -13.20 3.77 4.15
N ARG D 127 -12.54 3.18 3.15
CA ARG D 127 -13.05 1.96 2.57
C ARG D 127 -11.89 0.99 2.37
N VAL D 128 -12.21 -0.30 2.44
CA VAL D 128 -11.24 -1.39 2.34
C VAL D 128 -10.40 -1.32 1.07
N ASP D 129 -10.99 -0.90 -0.05
CA ASP D 129 -10.29 -1.00 -1.32
C ASP D 129 -9.32 0.17 -1.51
N GLU D 130 -9.47 1.25 -0.75
CA GLU D 130 -8.46 2.30 -0.76
C GLU D 130 -7.26 1.88 0.11
N ALA D 131 -7.40 0.76 0.85
CA ALA D 131 -6.45 0.38 1.87
C ALA D 131 -5.67 -0.88 1.51
N LEU D 132 -6.19 -1.69 0.56
CA LEU D 132 -5.54 -2.90 0.07
C LEU D 132 -4.17 -2.55 -0.51
N GLY D 133 -3.12 -3.26 -0.07
CA GLY D 133 -1.78 -3.06 -0.60
C GLY D 133 -1.07 -1.83 -0.04
N ARG D 134 -1.78 -0.99 0.74
CA ARG D 134 -1.17 0.20 1.32
C ARG D 134 -0.59 -0.23 2.67
N PRO D 135 0.63 0.29 3.04
CA PRO D 135 1.33 -0.16 4.24
C PRO D 135 0.49 0.10 5.48
N GLY D 136 0.26 -0.96 6.26
CA GLY D 136 -0.49 -0.86 7.51
C GLY D 136 -1.95 -0.45 7.30
N GLY D 137 -2.47 -0.60 6.06
CA GLY D 137 -3.84 -0.23 5.75
C GLY D 137 -4.86 -1.10 6.50
N LEU D 138 -4.54 -2.40 6.63
CA LEU D 138 -5.39 -3.34 7.34
C LEU D 138 -4.54 -4.05 8.40
N ALA D 139 -5.22 -4.41 9.50
CA ALA D 139 -4.61 -5.14 10.58
C ALA D 139 -5.55 -6.24 11.02
N VAL D 140 -5.01 -7.47 11.13
CA VAL D 140 -5.74 -8.63 11.61
C VAL D 140 -5.15 -9.02 12.96
N LEU D 141 -6.03 -9.18 13.97
CA LEU D 141 -5.69 -9.88 15.19
C LEU D 141 -6.06 -11.36 15.00
N ALA D 142 -5.10 -12.24 15.32
CA ALA D 142 -5.27 -13.67 15.21
C ALA D 142 -5.01 -14.28 16.57
N ALA D 143 -5.83 -15.28 16.95
CA ALA D 143 -5.69 -16.08 18.15
C ALA D 143 -5.96 -17.51 17.76
N PHE D 144 -5.27 -18.45 18.41
CA PHE D 144 -5.50 -19.87 18.17
C PHE D 144 -6.61 -20.39 19.08
N LEU D 145 -7.36 -21.38 18.60
CA LEU D 145 -8.39 -22.02 19.43
C LEU D 145 -7.90 -23.44 19.77
N GLU D 146 -8.06 -23.81 21.04
CA GLU D 146 -7.63 -25.10 21.56
C GLU D 146 -8.74 -25.70 22.42
N GLU D 147 -8.62 -27.00 22.70
CA GLU D 147 -9.58 -27.68 23.55
C GLU D 147 -9.27 -27.30 25.00
N GLY D 148 -10.36 -26.97 25.72
CA GLY D 148 -10.35 -26.70 27.15
C GLY D 148 -11.46 -27.49 27.82
N PRO D 149 -11.46 -27.55 29.19
CA PRO D 149 -12.45 -28.34 29.91
C PRO D 149 -13.87 -27.77 29.86
N GLU D 150 -14.00 -26.48 29.54
CA GLU D 150 -15.24 -25.72 29.75
C GLU D 150 -15.83 -25.29 28.42
N GLU D 151 -17.17 -25.21 28.39
CA GLU D 151 -17.87 -24.60 27.29
C GLU D 151 -17.56 -23.10 27.28
N ASN D 152 -17.06 -22.60 26.14
CA ASN D 152 -16.77 -21.18 25.98
C ASN D 152 -18.09 -20.48 25.69
N SER D 153 -18.59 -19.64 26.61
CA SER D 153 -19.94 -19.12 26.50
C SER D 153 -20.06 -18.09 25.37
N ALA D 154 -19.01 -17.30 25.18
CA ALA D 154 -18.97 -16.32 24.10
C ALA D 154 -19.03 -17.04 22.76
N TYR D 155 -18.28 -18.14 22.61
CA TYR D 155 -18.28 -18.86 21.34
C TYR D 155 -19.58 -19.61 21.13
N GLU D 156 -20.21 -20.05 22.22
CA GLU D 156 -21.46 -20.82 22.16
C GLU D 156 -22.52 -20.00 21.43
N GLN D 157 -22.46 -18.67 21.56
CA GLN D 157 -23.44 -17.79 20.96
C GLN D 157 -23.35 -17.80 19.43
N LEU D 158 -22.16 -18.11 18.90
CA LEU D 158 -21.95 -18.23 17.47
C LEU D 158 -22.16 -19.67 17.02
N LEU D 159 -21.53 -20.61 17.75
CA LEU D 159 -21.54 -22.01 17.36
C LEU D 159 -22.94 -22.60 17.41
N SER D 160 -23.80 -22.08 18.31
CA SER D 160 -25.12 -22.66 18.51
C SER D 160 -26.06 -22.22 17.39
N ARG D 161 -25.58 -21.38 16.47
CA ARG D 161 -26.32 -20.95 15.30
C ARG D 161 -25.78 -21.53 13.99
N LEU D 162 -24.71 -22.34 14.03
CA LEU D 162 -24.13 -22.86 12.82
C LEU D 162 -25.12 -23.74 12.07
N GLU D 163 -25.95 -24.52 12.79
CA GLU D 163 -26.97 -25.34 12.13
C GLU D 163 -27.87 -24.48 11.23
N GLU D 164 -28.28 -23.30 11.71
CA GLU D 164 -29.14 -22.41 10.94
C GLU D 164 -28.47 -21.96 9.64
N ILE D 165 -27.13 -21.96 9.59
CA ILE D 165 -26.42 -21.45 8.42
C ILE D 165 -25.56 -22.55 7.77
N ALA D 166 -26.01 -23.81 7.84
CA ALA D 166 -25.21 -24.92 7.32
C ALA D 166 -24.99 -24.75 5.81
N GLU D 167 -26.06 -24.44 5.08
CA GLU D 167 -25.97 -24.28 3.64
C GLU D 167 -24.98 -23.18 3.26
N GLU D 168 -24.16 -23.44 2.24
CA GLU D 168 -23.23 -22.45 1.71
C GLU D 168 -24.04 -21.22 1.29
N GLY D 169 -23.56 -20.03 1.66
CA GLY D 169 -24.18 -18.78 1.27
C GLY D 169 -25.35 -18.37 2.17
N SER D 170 -25.60 -19.14 3.25
CA SER D 170 -26.68 -18.80 4.17
C SER D 170 -26.18 -17.88 5.26
N GLU D 171 -27.13 -17.22 5.94
CA GLU D 171 -26.80 -16.28 7.00
C GLU D 171 -27.97 -16.16 7.98
N THR D 172 -27.66 -15.59 9.15
CA THR D 172 -28.57 -15.45 10.28
C THR D 172 -28.21 -14.17 11.03
N GLN D 173 -29.00 -13.81 12.04
CA GLN D 173 -28.66 -12.67 12.86
C GLN D 173 -28.47 -13.17 14.28
N VAL D 174 -27.46 -12.63 14.95
CA VAL D 174 -27.12 -13.02 16.29
C VAL D 174 -27.04 -11.72 17.09
N PRO D 175 -27.52 -11.70 18.35
CA PRO D 175 -27.46 -10.49 19.13
C PRO D 175 -26.00 -10.14 19.43
N GLY D 176 -25.76 -8.84 19.65
CA GLY D 176 -24.44 -8.36 20.00
C GLY D 176 -23.96 -9.07 21.26
N LEU D 177 -22.64 -9.23 21.36
CA LEU D 177 -22.03 -9.83 22.55
C LEU D 177 -20.72 -9.10 22.81
N ASP D 178 -20.01 -9.51 23.86
CA ASP D 178 -18.65 -9.04 24.10
C ASP D 178 -17.71 -9.72 23.11
N ILE D 179 -17.37 -8.98 22.05
CA ILE D 179 -16.58 -9.53 20.97
C ILE D 179 -15.20 -9.87 21.50
N SER D 180 -14.72 -9.07 22.47
CA SER D 180 -13.36 -9.23 22.99
C SER D 180 -13.24 -10.53 23.78
N ALA D 181 -14.38 -11.15 24.13
CA ALA D 181 -14.41 -12.40 24.87
C ALA D 181 -14.18 -13.59 23.95
N LEU D 182 -14.15 -13.36 22.62
CA LEU D 182 -13.79 -14.36 21.61
C LEU D 182 -12.26 -14.41 21.42
N LEU D 183 -11.52 -13.58 22.17
CA LEU D 183 -10.08 -13.38 22.06
C LEU D 183 -9.46 -13.66 23.42
N PRO D 184 -8.14 -13.98 23.49
CA PRO D 184 -7.44 -14.14 24.77
C PRO D 184 -7.52 -12.93 25.69
N SER D 185 -7.33 -13.15 27.01
CA SER D 185 -7.29 -12.06 27.98
C SER D 185 -5.96 -11.33 27.93
N ASP D 186 -4.88 -12.02 27.55
CA ASP D 186 -3.54 -11.45 27.53
C ASP D 186 -3.34 -10.69 26.21
N PHE D 187 -3.54 -9.36 26.27
CA PHE D 187 -3.30 -8.47 25.14
C PHE D 187 -1.85 -7.97 25.10
N SER D 188 -0.97 -8.45 25.98
CA SER D 188 0.35 -7.86 26.16
C SER D 188 1.45 -8.69 25.47
N ARG D 189 1.20 -10.00 25.30
CA ARG D 189 2.15 -10.96 24.76
C ARG D 189 1.68 -11.51 23.42
N TYR D 190 2.40 -11.14 22.34
CA TYR D 190 2.01 -11.43 20.98
C TYR D 190 3.22 -11.37 20.04
N PHE D 191 3.02 -11.93 18.84
CA PHE D 191 3.96 -11.81 17.72
C PHE D 191 3.36 -10.87 16.68
N GLN D 192 4.17 -10.12 15.94
CA GLN D 192 3.64 -9.22 14.94
C GLN D 192 4.56 -9.24 13.71
N TYR D 193 3.93 -9.36 12.53
CA TYR D 193 4.68 -9.36 11.28
C TYR D 193 3.83 -8.70 10.19
N GLU D 194 4.50 -8.28 9.12
CA GLU D 194 3.83 -7.72 7.97
C GLU D 194 3.68 -8.80 6.90
N GLY D 195 2.44 -8.95 6.41
CA GLY D 195 2.12 -10.02 5.48
C GLY D 195 0.95 -9.63 4.59
N SER D 196 0.10 -10.61 4.27
CA SER D 196 -0.94 -10.44 3.26
C SER D 196 -2.28 -10.94 3.77
N LEU D 197 -3.33 -10.66 3.00
CA LEU D 197 -4.59 -11.38 3.12
C LEU D 197 -4.37 -12.82 2.70
N THR D 198 -5.11 -13.77 3.31
CA THR D 198 -4.85 -15.19 3.13
C THR D 198 -5.79 -15.79 2.08
N THR D 199 -6.55 -14.93 1.39
CA THR D 199 -7.41 -15.37 0.30
C THR D 199 -7.41 -14.26 -0.74
N PRO D 200 -7.66 -14.58 -2.02
CA PRO D 200 -7.64 -13.56 -3.07
C PRO D 200 -8.39 -12.33 -2.60
N PRO D 201 -7.89 -11.09 -2.82
CA PRO D 201 -6.67 -10.85 -3.61
C PRO D 201 -5.26 -11.05 -3.03
N CYS D 202 -5.16 -11.53 -1.78
CA CYS D 202 -3.88 -11.71 -1.11
C CYS D 202 -3.05 -10.43 -1.15
N ALA D 203 -3.69 -9.26 -1.05
CA ALA D 203 -2.99 -7.99 -1.03
C ALA D 203 -2.02 -7.92 0.14
N GLN D 204 -0.85 -7.29 -0.08
CA GLN D 204 0.18 -7.19 0.94
C GLN D 204 -0.01 -5.92 1.78
N GLY D 205 0.89 -5.72 2.76
CA GLY D 205 0.86 -4.55 3.62
C GLY D 205 -0.12 -4.72 4.78
N VAL D 206 -0.39 -5.97 5.15
CA VAL D 206 -1.27 -6.31 6.26
C VAL D 206 -0.43 -6.53 7.50
N ILE D 207 -0.85 -5.95 8.64
CA ILE D 207 -0.13 -6.14 9.88
C ILE D 207 -0.88 -7.19 10.70
N TRP D 208 -0.24 -8.36 10.77
CA TRP D 208 -0.74 -9.45 11.58
C TRP D 208 -0.17 -9.35 12.98
N THR D 209 -1.09 -9.53 13.94
CA THR D 209 -0.78 -9.73 15.34
C THR D 209 -1.34 -11.09 15.78
N VAL D 210 -0.45 -11.95 16.30
CA VAL D 210 -0.83 -13.29 16.71
C VAL D 210 -0.55 -13.42 18.20
N PHE D 211 -1.62 -13.64 18.98
CA PHE D 211 -1.54 -13.72 20.43
C PHE D 211 -0.75 -14.95 20.87
N GLN D 212 0.06 -14.82 21.92
CA GLN D 212 0.73 -15.98 22.45
C GLN D 212 -0.28 -16.86 23.18
N GLN D 213 -1.13 -16.25 24.04
CA GLN D 213 -2.18 -16.99 24.71
C GLN D 213 -3.24 -17.48 23.72
N THR D 214 -3.76 -18.71 23.92
CA THR D 214 -4.80 -19.21 23.04
C THR D 214 -6.15 -19.18 23.75
N VAL D 215 -7.20 -19.37 22.95
CA VAL D 215 -8.58 -19.40 23.40
C VAL D 215 -9.00 -20.88 23.50
N MET D 216 -9.92 -21.16 24.42
CA MET D 216 -10.22 -22.53 24.83
C MET D 216 -11.70 -22.79 24.56
N LEU D 217 -11.97 -23.79 23.72
CA LEU D 217 -13.31 -24.25 23.40
C LEU D 217 -13.45 -25.64 23.98
N SER D 218 -14.69 -26.13 24.20
CA SER D 218 -14.89 -27.51 24.59
C SER D 218 -14.62 -28.41 23.39
N ALA D 219 -14.54 -29.73 23.62
CA ALA D 219 -14.37 -30.69 22.54
C ALA D 219 -15.59 -30.68 21.62
N LYS D 220 -16.76 -30.46 22.24
CA LYS D 220 -18.02 -30.45 21.53
C LYS D 220 -18.05 -29.25 20.58
N GLN D 221 -17.61 -28.09 21.10
CA GLN D 221 -17.59 -26.84 20.36
C GLN D 221 -16.68 -27.01 19.15
N LEU D 222 -15.48 -27.52 19.40
CA LEU D 222 -14.56 -27.74 18.29
C LEU D 222 -15.21 -28.66 17.23
N HIS D 223 -15.96 -29.67 17.67
CA HIS D 223 -16.64 -30.57 16.74
C HIS D 223 -17.80 -29.87 16.05
N THR D 224 -18.60 -29.06 16.76
CA THR D 224 -19.64 -28.28 16.09
C THR D 224 -19.06 -27.42 14.96
N LEU D 225 -17.88 -26.82 15.21
CA LEU D 225 -17.28 -25.89 14.26
C LEU D 225 -16.91 -26.63 12.98
N SER D 226 -16.28 -27.81 13.12
CA SER D 226 -15.69 -28.50 11.99
C SER D 226 -16.72 -29.35 11.24
N ASP D 227 -17.85 -29.66 11.88
CA ASP D 227 -18.70 -30.72 11.37
C ASP D 227 -20.13 -30.23 11.09
N THR D 228 -20.35 -28.92 10.88
CA THR D 228 -21.72 -28.42 10.75
C THR D 228 -21.98 -27.70 9.43
N LEU D 229 -20.97 -27.02 8.86
CA LEU D 229 -21.18 -26.20 7.67
C LEU D 229 -20.81 -26.97 6.40
N TRP D 230 -21.48 -26.60 5.30
CA TRP D 230 -21.21 -27.09 3.96
C TRP D 230 -20.76 -25.94 3.06
N GLY D 231 -19.91 -26.26 2.08
CA GLY D 231 -19.19 -25.27 1.29
C GLY D 231 -19.40 -25.50 -0.21
N PRO D 232 -18.38 -25.21 -1.06
CA PRO D 232 -18.52 -25.36 -2.50
C PRO D 232 -19.04 -26.74 -2.88
N GLY D 233 -20.25 -26.78 -3.48
CA GLY D 233 -20.90 -28.02 -3.89
C GLY D 233 -21.49 -28.79 -2.70
N ASP D 234 -21.53 -30.13 -2.83
CA ASP D 234 -22.02 -31.00 -1.77
C ASP D 234 -20.85 -31.47 -0.89
N SER D 235 -19.89 -30.57 -0.63
CA SER D 235 -18.68 -30.86 0.14
C SER D 235 -18.67 -30.09 1.45
N ARG D 236 -18.27 -30.76 2.55
CA ARG D 236 -18.19 -30.18 3.88
C ARG D 236 -17.26 -28.97 3.91
N LEU D 237 -17.59 -27.98 4.75
CA LEU D 237 -16.70 -26.82 4.92
C LEU D 237 -15.75 -27.11 6.09
N GLN D 238 -14.52 -27.46 5.69
CA GLN D 238 -13.51 -28.06 6.54
C GLN D 238 -12.14 -27.71 5.97
N LEU D 239 -11.11 -27.79 6.80
CA LEU D 239 -9.73 -27.61 6.38
C LEU D 239 -9.60 -26.31 5.58
N ASN D 240 -10.35 -25.28 6.00
CA ASN D 240 -10.36 -23.99 5.35
C ASN D 240 -9.18 -23.17 5.87
N PHE D 241 -7.96 -23.53 5.42
CA PHE D 241 -6.75 -22.84 5.80
C PHE D 241 -5.75 -22.88 4.63
N ARG D 242 -4.91 -21.84 4.58
CA ARG D 242 -3.93 -21.73 3.52
C ARG D 242 -2.62 -22.34 4.00
N ALA D 243 -1.87 -22.90 3.05
CA ALA D 243 -0.56 -23.45 3.31
C ALA D 243 0.34 -22.35 3.88
N THR D 244 1.05 -22.69 4.95
CA THR D 244 2.08 -21.84 5.50
C THR D 244 2.93 -21.30 4.35
N GLN D 245 3.25 -20.00 4.42
CA GLN D 245 4.02 -19.31 3.39
C GLN D 245 5.39 -18.92 3.94
N PRO D 246 6.48 -18.91 3.11
CA PRO D 246 7.81 -18.55 3.61
C PRO D 246 7.90 -17.07 4.04
N LEU D 247 8.70 -16.82 5.08
CA LEU D 247 8.87 -15.48 5.60
C LEU D 247 9.59 -14.63 4.57
N ASN D 248 10.57 -15.26 3.91
CA ASN D 248 11.31 -14.65 2.81
C ASN D 248 12.09 -13.44 3.31
N GLY D 249 12.61 -13.54 4.54
CA GLY D 249 13.59 -12.60 5.05
C GLY D 249 12.96 -11.60 6.02
N ARG D 250 11.63 -11.61 6.09
CA ARG D 250 10.90 -10.89 7.13
C ARG D 250 11.34 -11.46 8.47
N VAL D 251 11.44 -10.56 9.47
CA VAL D 251 11.62 -10.92 10.88
C VAL D 251 10.30 -10.66 11.59
N ILE D 252 9.80 -11.68 12.30
CA ILE D 252 8.63 -11.56 13.15
C ILE D 252 9.12 -10.92 14.44
N GLU D 253 8.34 -9.99 14.99
CA GLU D 253 8.68 -9.35 16.27
C GLU D 253 7.83 -9.98 17.36
N ALA D 254 8.32 -9.88 18.61
CA ALA D 254 7.64 -10.36 19.80
C ALA D 254 7.55 -9.24 20.82
N SER D 255 6.42 -9.16 21.54
CA SER D 255 6.23 -8.15 22.57
C SER D 255 7.01 -8.48 23.84
N PHE D 256 7.73 -9.63 23.86
CA PHE D 256 8.33 -10.19 25.06
C PHE D 256 9.63 -10.93 24.74
N PRO D 257 10.61 -10.93 25.67
CA PRO D 257 11.92 -11.51 25.41
C PRO D 257 11.87 -13.05 25.29
ZN ZN E . -24.83 13.62 -6.46
O5 IQ2 F . -26.22 10.15 -6.39
S1 IQ2 F . -25.06 11.00 -6.23
O6 IQ2 F . -25.44 11.69 -5.01
N7 IQ2 F . -24.65 11.89 -7.54
C7 IQ2 F . -24.06 9.64 -6.10
C12 IQ2 F . -23.53 9.02 -4.89
C11 IQ2 F . -22.68 7.83 -4.88
S13 IQ2 F . -21.96 6.89 -3.71
O15 IQ2 F . -22.85 6.11 -2.88
O14 IQ2 F . -20.98 7.44 -2.80
C8 IQ2 F . -23.73 8.98 -7.31
C9 IQ2 F . -22.92 7.83 -7.39
C10 IQ2 F . -22.40 7.25 -6.23
C17 IQ2 F . -21.53 6.04 -5.99
O17 IQ2 F . -21.12 5.34 -6.99
N16 IQ2 F . -21.23 5.77 -4.68
C19 IQ2 F . -20.42 4.72 -3.99
C20 IQ2 F . -20.16 3.46 -4.77
C21 IQ2 F . -19.97 2.47 -5.40
C29 IQ2 F . -19.79 1.29 -6.28
C1 GOL G . -20.04 11.96 -8.67
O1 GOL G . -20.87 12.88 -9.38
C2 GOL G . -20.12 12.18 -7.17
O2 GOL G . -18.82 12.40 -6.62
C3 GOL G . -20.82 11.06 -6.42
O3 GOL G . -20.03 9.89 -6.30
ZN ZN H . 12.28 19.14 6.61
O5 IQ2 I . 10.65 17.01 5.80
S1 IQ2 I . 9.87 18.13 6.27
O6 IQ2 I . 8.90 17.34 7.05
N7 IQ2 I . 10.38 19.24 7.35
C7 IQ2 I . 8.67 18.54 5.19
C12 IQ2 I . 8.43 17.86 3.95
C11 IQ2 I . 7.38 18.23 3.06
S13 IQ2 I . 6.88 17.62 1.61
O15 IQ2 I . 6.29 16.28 1.64
O14 IQ2 I . 7.78 17.77 0.49
C8 IQ2 I . 7.76 19.58 5.51
C9 IQ2 I . 6.69 19.98 4.70
C10 IQ2 I . 6.48 19.35 3.48
C17 IQ2 I . 5.47 19.50 2.40
O17 IQ2 I . 4.54 20.41 2.50
N16 IQ2 I . 5.60 18.63 1.35
C19 IQ2 I . 4.86 18.40 0.08
C20 IQ2 I . 3.47 18.93 0.09
C21 IQ2 I . 2.38 19.42 0.16
C29 IQ2 I . 1.07 20.11 0.32
C1 GOL J . 9.31 21.87 2.28
O1 GOL J . 9.28 20.82 1.31
C2 GOL J . 10.73 22.34 2.54
O2 GOL J . 11.18 23.14 1.45
C3 GOL J . 10.90 23.08 3.87
O3 GOL J . 9.66 23.46 4.47
ZN ZN K . 20.77 -18.53 -18.71
O5 IQ2 L . 21.94 -16.00 -18.49
S1 IQ2 L . 22.56 -16.76 -19.55
O6 IQ2 L . 23.93 -16.37 -19.25
N7 IQ2 L . 22.61 -18.38 -19.60
C7 IQ2 L . 22.59 -15.88 -20.94
C12 IQ2 L . 22.32 -14.47 -20.98
C11 IQ2 L . 22.35 -13.72 -22.20
S13 IQ2 L . 22.06 -12.14 -22.58
O15 IQ2 L . 20.69 -11.70 -22.47
O14 IQ2 L . 22.98 -11.13 -22.04
C8 IQ2 L . 22.94 -16.50 -22.14
C9 IQ2 L . 22.99 -15.83 -23.36
C10 IQ2 L . 22.71 -14.49 -23.43
C17 IQ2 L . 22.68 -13.51 -24.55
O17 IQ2 L . 22.96 -13.92 -25.73
N16 IQ2 L . 22.35 -12.22 -24.19
C19 IQ2 L . 22.20 -10.94 -24.95
C20 IQ2 L . 23.12 -10.84 -26.11
C21 IQ2 L . 23.80 -10.79 -27.08
C29 IQ2 L . 24.68 -10.82 -28.26
C1 GOL M . 18.75 -18.03 -22.99
O1 GOL M . 19.20 -19.03 -23.90
C2 GOL M . 18.06 -16.86 -23.69
O2 GOL M . 16.65 -16.98 -23.61
C3 GOL M . 18.43 -15.51 -23.14
O3 GOL M . 19.80 -15.42 -22.82
ZN ZN N . -8.71 -15.35 7.84
O5 IQ2 O . -6.86 -12.48 6.20
S1 IQ2 O . -8.12 -13.17 6.44
O6 IQ2 O . -8.35 -12.69 7.79
N7 IQ2 O . -8.00 -14.74 6.03
C7 IQ2 O . -8.92 -12.31 5.23
C12 IQ2 O . -9.60 -11.06 5.40
C11 IQ2 O . -10.28 -10.34 4.34
S13 IQ2 O . -11.12 -8.90 4.26
O15 IQ2 O . -12.37 -8.78 4.98
O14 IQ2 O . -10.36 -7.68 4.41
C8 IQ2 O . -8.89 -12.82 3.91
C9 IQ2 O . -9.51 -12.19 2.82
C10 IQ2 O . -10.19 -10.98 2.99
C17 IQ2 O . -10.95 -10.06 2.06
O17 IQ2 O . -11.08 -10.34 0.80
N16 IQ2 O . -11.49 -8.94 2.65
C19 IQ2 O . -12.28 -7.79 2.11
C20 IQ2 O . -13.38 -8.20 1.18
C21 IQ2 O . -14.17 -8.73 0.42
C29 IQ2 O . -15.05 -9.69 -0.31
C1 GOL P . -12.00 -16.34 4.62
O1 GOL P . -12.14 -17.30 3.57
C2 GOL P . -12.99 -15.20 4.45
O2 GOL P . -14.02 -15.31 5.43
C3 GOL P . -12.34 -13.84 4.54
O3 GOL P . -13.24 -12.80 4.21
#